data_5AFR
#
_entry.id   5AFR
#
_cell.length_a   71.899
_cell.length_b   148.861
_cell.length_c   179.620
_cell.angle_alpha   90.00
_cell.angle_beta   90.00
_cell.angle_gamma   90.00
#
_symmetry.space_group_name_H-M   'P 21 21 21'
#
_entity_poly.entity_id   1
_entity_poly.type   'polypeptide(L)'
_entity_poly.pdbx_seq_one_letter_code
;(MSE)CKNEARLANELIEFVAATVTGIKNSPKENEQAFIDYLHCQYLERFQFFLGLLDGREFDTLFVFLFEELDRTIVTI
DIGEEAIYDANLANKKYSTLLIIKSRSVIVDAEPIATQISAIYLPGPVNAGNLASIITHGVSSVFGQLIKSDTKTYSVET
IDKTRRKLDDISKQFQQLHTSIETPDLLA(MSE)VPSIIKLAVSKGATSHDYANYLPSNDLES(MSE)RFLNILQSIANK
WFLVLKQTLAIDRDIKNGSFLDEVEFWSNFYEVLKSLIEQTQSQEFQVCLSVLTNAKRFHNLTNLLNEGSLSDKFKLADK
YNQFLSSIPIDEVRQASNLEDLQELFPVLASSLKKFRYSGYPVQRFVVL(MSE)DKISQEV(MSE)DAILSNLSDLFQLE
YGSFLGLYEKSAG(MSE)IEEWDDIVQDVNLLIREDLRKRAPQELLIQKLTFTSASVKATLDEILSTRKRFFSLAETIKS
ISPSTYHEEIQRLYHPFEQIHDISVNFRLKLEQAESEFSKN(MSE)LDLEKKLQNTLASF(MSE)DSDHCPTEKLSYLVK
FKPL(MSE)ELCPRIKVKVLENQQILLLEIKKD
;
_entity_poly.pdbx_strand_id   A,B
#
# COMPACT_ATOMS: atom_id res chain seq x y z
N LEU A 8 -10.45 13.45 18.62
CA LEU A 8 -11.08 12.62 17.55
C LEU A 8 -11.55 11.26 18.07
N ALA A 9 -10.71 10.61 18.89
CA ALA A 9 -11.04 9.34 19.55
C ALA A 9 -12.38 9.40 20.29
N ASN A 10 -12.54 10.41 21.14
CA ASN A 10 -13.75 10.58 21.94
C ASN A 10 -14.98 10.73 21.03
N GLU A 11 -14.84 11.56 20.00
CA GLU A 11 -15.89 11.76 19.00
C GLU A 11 -16.23 10.44 18.30
N LEU A 12 -15.21 9.69 17.90
CA LEU A 12 -15.42 8.39 17.27
C LEU A 12 -16.18 7.45 18.23
N ILE A 13 -15.77 7.43 19.50
CA ILE A 13 -16.45 6.61 20.51
C ILE A 13 -17.91 7.04 20.66
N GLU A 14 -18.14 8.35 20.74
CA GLU A 14 -19.50 8.88 20.81
C GLU A 14 -20.31 8.45 19.60
N PHE A 15 -19.70 8.54 18.41
CA PHE A 15 -20.35 8.11 17.17
C PHE A 15 -20.69 6.63 17.23
N VAL A 16 -19.74 5.81 17.68
CA VAL A 16 -19.99 4.37 17.83
C VAL A 16 -21.14 4.12 18.80
N ALA A 17 -21.14 4.85 19.91
CA ALA A 17 -22.23 4.76 20.88
C ALA A 17 -23.57 5.11 20.23
N ALA A 18 -23.60 6.23 19.48
CA ALA A 18 -24.82 6.64 18.79
C ALA A 18 -25.26 5.58 17.78
N THR A 19 -24.31 5.00 17.03
CA THR A 19 -24.65 3.95 16.07
C THR A 19 -25.34 2.77 16.76
N VAL A 20 -24.79 2.32 17.89
CA VAL A 20 -25.40 1.24 18.67
C VAL A 20 -26.75 1.64 19.26
N THR A 21 -26.80 2.79 19.93
CA THR A 21 -28.02 3.29 20.59
C THR A 21 -29.06 3.82 19.62
N GLY A 22 -28.62 4.70 18.73
CA GLY A 22 -29.44 5.53 17.88
C GLY A 22 -28.95 5.56 16.41
N ILE A 23 -29.25 4.49 15.67
CA ILE A 23 -28.97 4.53 14.23
C ILE A 23 -29.87 5.60 13.64
N LYS A 24 -29.31 6.47 12.80
CA LYS A 24 -30.11 7.52 12.12
C LYS A 24 -31.32 6.90 11.43
N ASN A 25 -32.48 7.53 11.58
CA ASN A 25 -33.66 7.06 10.90
C ASN A 25 -33.39 7.31 9.41
N SER A 26 -33.81 6.34 8.59
CA SER A 26 -33.34 6.21 7.23
C SER A 26 -34.40 6.59 6.17
N PRO A 27 -34.12 7.63 5.37
CA PRO A 27 -34.93 7.99 4.18
C PRO A 27 -34.96 6.85 3.16
N LYS A 28 -36.10 6.66 2.49
CA LYS A 28 -36.27 5.49 1.63
C LYS A 28 -35.68 5.77 0.23
N GLU A 29 -34.36 5.71 0.16
CA GLU A 29 -33.62 6.01 -1.08
C GLU A 29 -33.15 4.76 -1.86
N ASN A 30 -33.58 3.59 -1.43
CA ASN A 30 -32.99 2.37 -1.95
C ASN A 30 -31.46 2.55 -2.00
N GLU A 31 -30.82 2.31 -3.13
CA GLU A 31 -29.47 2.82 -3.41
C GLU A 31 -28.45 2.58 -2.28
N GLN A 32 -28.29 1.29 -1.99
CA GLN A 32 -27.45 0.84 -0.87
C GLN A 32 -26.13 1.58 -0.86
N ALA A 33 -25.57 1.92 -2.02
CA ALA A 33 -24.49 2.91 -2.06
C ALA A 33 -25.04 4.19 -1.46
N PHE A 34 -26.26 4.55 -1.92
CA PHE A 34 -26.99 5.71 -1.35
C PHE A 34 -27.18 5.59 0.15
N ILE A 35 -27.54 4.40 0.62
CA ILE A 35 -27.62 4.15 2.05
C ILE A 35 -26.27 4.35 2.75
N ASP A 36 -25.18 3.96 2.09
CA ASP A 36 -23.83 4.15 2.64
C ASP A 36 -23.50 5.61 2.78
N TYR A 37 -23.75 6.34 1.70
CA TYR A 37 -23.55 7.77 1.76
C TYR A 37 -24.44 8.40 2.83
N LEU A 38 -25.65 7.85 2.97
CA LEU A 38 -26.53 8.22 4.05
C LEU A 38 -25.87 7.94 5.38
N HIS A 39 -25.15 6.83 5.47
CA HIS A 39 -24.40 6.45 6.66
C HIS A 39 -23.32 7.48 6.97
N CYS A 40 -22.61 7.88 5.92
CA CYS A 40 -21.61 8.95 6.04
C CYS A 40 -22.27 10.26 6.48
N GLN A 41 -23.47 10.53 5.98
CA GLN A 41 -24.26 11.69 6.42
C GLN A 41 -24.65 11.60 7.89
N TYR A 42 -25.00 10.38 8.34
CA TYR A 42 -25.27 10.10 9.75
C TYR A 42 -24.01 10.36 10.58
N LEU A 43 -22.86 9.93 10.05
CA LEU A 43 -21.58 10.25 10.69
C LEU A 43 -21.32 11.76 10.74
N GLU A 44 -21.67 12.46 9.67
CA GLU A 44 -21.58 13.93 9.64
C GLU A 44 -22.48 14.54 10.70
N ARG A 45 -23.69 13.98 10.85
CA ARG A 45 -24.60 14.35 11.94
C ARG A 45 -23.95 14.10 13.31
N PHE A 46 -23.31 12.94 13.45
CA PHE A 46 -22.53 12.65 14.68
C PHE A 46 -21.50 13.75 14.92
N GLN A 47 -20.81 14.16 13.86
CA GLN A 47 -19.88 15.29 13.94
C GLN A 47 -20.59 16.57 14.40
N PHE A 48 -21.76 16.86 13.82
CA PHE A 48 -22.53 18.05 14.27
C PHE A 48 -22.89 17.98 15.76
N PHE A 49 -23.34 16.80 16.19
CA PHE A 49 -23.66 16.55 17.60
C PHE A 49 -22.42 16.75 18.48
N LEU A 50 -21.29 16.19 18.05
CA LEU A 50 -20.03 16.41 18.78
C LEU A 50 -19.66 17.88 18.86
N GLY A 51 -19.83 18.60 17.74
CA GLY A 51 -19.55 20.06 17.70
C GLY A 51 -20.53 20.85 18.58
N LEU A 61 -9.98 5.55 12.50
CA LEU A 61 -10.87 5.31 11.36
C LEU A 61 -11.92 4.24 11.67
N PHE A 62 -13.21 4.54 11.43
CA PHE A 62 -14.33 3.64 11.82
C PHE A 62 -15.11 3.13 10.63
N VAL A 63 -15.69 1.95 10.82
CA VAL A 63 -16.11 1.07 9.72
C VAL A 63 -17.40 0.35 10.06
N PHE A 64 -18.10 -0.09 9.01
CA PHE A 64 -19.45 -0.65 9.11
C PHE A 64 -19.56 -1.91 8.25
N LEU A 65 -20.73 -2.54 8.18
CA LEU A 65 -20.98 -3.60 7.17
C LEU A 65 -22.43 -3.61 6.77
N PHE A 66 -22.69 -4.23 5.62
CA PHE A 66 -24.05 -4.60 5.20
C PHE A 66 -24.18 -6.11 4.86
N ILE A 73 -29.34 -5.70 10.03
CA ILE A 73 -29.09 -5.59 8.59
C ILE A 73 -27.74 -4.91 8.26
N VAL A 74 -27.01 -4.48 9.29
CA VAL A 74 -25.74 -3.76 9.11
C VAL A 74 -24.80 -3.88 10.29
N THR A 75 -23.52 -3.61 10.02
CA THR A 75 -22.45 -3.63 11.03
C THR A 75 -21.93 -2.21 11.35
N ILE A 76 -21.58 -1.96 12.60
CA ILE A 76 -20.83 -0.75 13.06
C ILE A 76 -19.59 -1.22 13.78
N ASP A 77 -18.46 -0.53 13.57
CA ASP A 77 -17.18 -0.99 14.09
C ASP A 77 -16.04 0.04 14.01
N ILE A 78 -14.88 -0.33 14.59
CA ILE A 78 -13.66 0.48 14.47
C ILE A 78 -12.77 -0.20 13.44
N ALA A 82 -15.57 -10.25 16.44
CA ALA A 82 -16.71 -10.61 17.28
C ALA A 82 -18.00 -10.56 16.44
N ILE A 83 -18.56 -11.72 16.11
CA ILE A 83 -19.69 -11.83 15.18
C ILE A 83 -19.36 -11.51 13.73
N TYR A 84 -18.11 -11.12 13.46
CA TYR A 84 -17.64 -10.83 12.12
C TYR A 84 -17.57 -12.13 11.33
N ASP A 85 -17.02 -13.17 11.98
CA ASP A 85 -17.00 -14.52 11.41
C ASP A 85 -18.41 -15.02 11.10
N ALA A 86 -19.33 -14.80 12.04
CA ALA A 86 -20.74 -15.14 11.84
C ALA A 86 -21.31 -14.37 10.66
N ASN A 87 -20.98 -13.08 10.56
CA ASN A 87 -21.42 -12.27 9.42
C ASN A 87 -20.85 -12.80 8.10
N LEU A 88 -19.57 -13.18 8.10
CA LEU A 88 -18.94 -13.78 6.93
C LEU A 88 -19.65 -15.08 6.57
N ALA A 89 -20.00 -15.87 7.59
CA ALA A 89 -20.76 -17.10 7.39
C ALA A 89 -22.14 -16.83 6.78
N ASN A 90 -22.84 -15.81 7.29
CA ASN A 90 -24.15 -15.40 6.79
C ASN A 90 -24.02 -14.39 5.66
N SER A 94 -22.56 -7.71 -0.32
CA SER A 94 -22.17 -7.23 1.01
C SER A 94 -21.10 -6.13 0.89
N THR A 95 -21.33 -5.00 1.57
CA THR A 95 -20.53 -3.80 1.40
C THR A 95 -20.17 -3.06 2.71
N LEU A 96 -18.86 -2.91 2.85
CA LEU A 96 -18.21 -2.38 4.04
C LEU A 96 -17.78 -0.94 3.78
N LEU A 97 -17.98 -0.10 4.78
CA LEU A 97 -17.83 1.36 4.63
C LEU A 97 -16.80 1.97 5.60
N ILE A 98 -15.58 2.10 5.11
CA ILE A 98 -14.48 2.51 5.93
C ILE A 98 -14.29 3.99 5.63
N ILE A 99 -14.25 4.82 6.66
CA ILE A 99 -13.90 6.23 6.50
C ILE A 99 -12.56 6.68 7.15
N LYS A 100 -12.08 7.83 6.67
CA LYS A 100 -11.01 8.63 7.28
C LYS A 100 -9.62 8.37 6.70
N GLN A 114 -9.81 10.46 1.76
CA GLN A 114 -10.26 10.31 3.14
C GLN A 114 -11.61 9.56 3.17
N ILE A 115 -11.60 8.33 2.64
CA ILE A 115 -12.83 7.53 2.50
C ILE A 115 -12.49 6.13 1.99
N SER A 116 -13.49 5.26 1.96
CA SER A 116 -13.38 3.93 1.35
C SER A 116 -14.73 3.36 0.93
N ALA A 117 -14.70 2.33 0.10
CA ALA A 117 -15.88 1.48 -0.01
C ALA A 117 -15.54 0.06 -0.44
N ILE A 118 -15.48 -0.86 0.50
CA ILE A 118 -15.46 -2.28 0.10
C ILE A 118 -16.78 -2.66 -0.59
N TYR A 119 -16.69 -3.38 -1.71
CA TYR A 119 -17.86 -3.89 -2.40
C TYR A 119 -17.63 -5.31 -2.91
N ASN A 125 -10.35 -9.15 5.40
CA ASN A 125 -10.34 -9.37 3.96
C ASN A 125 -9.27 -8.48 3.27
N ALA A 126 -8.02 -8.90 3.39
CA ALA A 126 -6.88 -8.07 2.94
C ALA A 126 -6.80 -7.92 1.44
N GLY A 127 -7.12 -9.00 0.70
CA GLY A 127 -6.81 -9.06 -0.74
C GLY A 127 -7.40 -7.86 -1.47
N ASN A 128 -8.67 -7.58 -1.15
CA ASN A 128 -9.37 -6.43 -1.68
C ASN A 128 -8.60 -5.16 -1.38
N LEU A 129 -8.18 -5.01 -0.13
CA LEU A 129 -7.41 -3.84 0.29
C LEU A 129 -6.14 -3.68 -0.51
N ALA A 130 -5.41 -4.80 -0.65
CA ALA A 130 -4.15 -4.80 -1.42
C ALA A 130 -4.41 -4.40 -2.87
N SER A 131 -5.43 -5.03 -3.48
CA SER A 131 -5.77 -4.71 -4.86
C SER A 131 -6.17 -3.25 -5.01
N ILE A 132 -6.95 -2.73 -4.05
CA ILE A 132 -7.35 -1.32 -4.04
C ILE A 132 -6.14 -0.41 -3.94
N ILE A 133 -5.22 -0.77 -3.05
CA ILE A 133 -3.98 -0.02 -2.90
C ILE A 133 -3.25 0.00 -4.23
N THR A 134 -3.14 -1.18 -4.85
CA THR A 134 -2.50 -1.32 -6.16
C THR A 134 -3.19 -0.45 -7.23
N HIS A 135 -4.51 -0.47 -7.25
CA HIS A 135 -5.29 0.36 -8.17
C HIS A 135 -5.01 1.84 -7.94
N GLY A 136 -5.00 2.25 -6.66
CA GLY A 136 -4.68 3.64 -6.31
C GLY A 136 -3.28 4.01 -6.80
N VAL A 137 -2.33 3.11 -6.54
CA VAL A 137 -0.95 3.31 -7.03
C VAL A 137 -0.90 3.45 -8.54
N SER A 138 -1.64 2.58 -9.25
CA SER A 138 -1.72 2.63 -10.71
C SER A 138 -2.28 3.96 -11.18
N SER A 139 -3.36 4.39 -10.51
CA SER A 139 -3.94 5.69 -10.81
C SER A 139 -2.92 6.81 -10.59
N VAL A 140 -2.21 6.76 -9.46
CA VAL A 140 -1.15 7.74 -9.20
C VAL A 140 -0.08 7.72 -10.28
N PHE A 141 0.34 6.53 -10.69
CA PHE A 141 1.33 6.38 -11.78
C PHE A 141 0.81 7.00 -13.06
N GLY A 142 -0.44 6.71 -13.40
CA GLY A 142 -1.04 7.32 -14.59
C GLY A 142 -1.10 8.84 -14.46
N GLN A 143 -1.44 9.32 -13.26
CA GLN A 143 -1.47 10.77 -12.96
C GLN A 143 -0.11 11.42 -13.12
N LEU A 144 0.94 10.75 -12.66
CA LEU A 144 2.28 11.31 -12.78
C LEU A 144 2.62 11.84 -14.20
N ILE A 145 2.23 11.13 -15.26
CA ILE A 145 2.57 11.53 -16.63
C ILE A 145 2.48 13.05 -16.78
N LYS A 146 1.47 13.65 -16.16
CA LYS A 146 1.42 15.10 -15.93
C LYS A 146 0.80 15.39 -14.56
N SER A 147 1.45 16.13 -13.67
CA SER A 147 2.79 16.73 -13.78
C SER A 147 3.58 16.45 -12.49
N ASP A 148 4.88 16.13 -12.63
CA ASP A 148 5.74 15.72 -11.52
C ASP A 148 6.97 16.63 -11.43
N ILE A 157 11.71 12.97 -8.23
CA ILE A 157 11.66 12.43 -9.58
C ILE A 157 12.16 10.99 -9.63
N ASP A 158 13.47 10.80 -9.70
CA ASP A 158 14.04 9.45 -9.65
C ASP A 158 13.62 8.81 -8.32
N LYS A 159 13.57 9.62 -7.26
CA LYS A 159 13.01 9.19 -5.98
C LYS A 159 11.55 8.75 -6.13
N THR A 160 10.79 9.50 -6.92
CA THR A 160 9.40 9.15 -7.20
C THR A 160 9.30 7.81 -7.94
N ARG A 161 10.20 7.62 -8.91
CA ARG A 161 10.31 6.31 -9.60
C ARG A 161 10.66 5.22 -8.60
N ARG A 162 11.57 5.54 -7.67
CA ARG A 162 11.90 4.61 -6.58
C ARG A 162 10.65 4.25 -5.80
N LYS A 163 9.86 5.26 -5.46
CA LYS A 163 8.61 5.03 -4.76
C LYS A 163 7.63 4.16 -5.56
N LEU A 164 7.52 4.44 -6.86
CA LEU A 164 6.69 3.60 -7.74
C LEU A 164 7.17 2.15 -7.75
N ASP A 165 8.48 1.98 -7.89
CA ASP A 165 9.06 0.63 -7.81
C ASP A 165 8.68 -0.02 -6.48
N ASP A 166 8.80 0.77 -5.41
CA ASP A 166 8.43 0.29 -4.07
C ASP A 166 6.98 -0.14 -3.97
N ILE A 167 6.07 0.63 -4.59
CA ILE A 167 4.66 0.20 -4.62
C ILE A 167 4.47 -1.16 -5.32
N SER A 168 5.13 -1.34 -6.45
CA SER A 168 5.08 -2.64 -7.15
C SER A 168 5.69 -3.75 -6.27
N LYS A 169 6.78 -3.42 -5.57
CA LYS A 169 7.37 -4.36 -4.60
C LYS A 169 6.36 -4.74 -3.51
N GLN A 170 5.63 -3.74 -3.01
CA GLN A 170 4.57 -3.97 -2.04
C GLN A 170 3.49 -4.87 -2.63
N PHE A 171 3.06 -4.59 -3.87
CA PHE A 171 2.09 -5.50 -4.52
C PHE A 171 2.64 -6.93 -4.57
N GLN A 172 3.92 -7.05 -4.97
CA GLN A 172 4.57 -8.37 -5.02
C GLN A 172 4.56 -9.06 -3.65
N GLN A 173 4.92 -8.31 -2.62
CA GLN A 173 4.91 -8.81 -1.26
C GLN A 173 3.49 -9.20 -0.83
N LEU A 174 2.48 -8.40 -1.17
CA LEU A 174 1.09 -8.70 -0.86
C LEU A 174 0.67 -9.99 -1.57
N HIS A 175 1.11 -10.19 -2.81
CA HIS A 175 0.84 -11.47 -3.53
C HIS A 175 1.42 -12.72 -2.83
N THR A 176 2.65 -12.60 -2.35
CA THR A 176 3.27 -13.66 -1.55
C THR A 176 2.44 -13.92 -0.29
N SER A 177 1.90 -12.86 0.28
CA SER A 177 1.08 -12.99 1.48
C SER A 177 -0.12 -13.91 1.28
N ILE A 178 -0.72 -13.85 0.09
CA ILE A 178 -1.86 -14.71 -0.23
C ILE A 178 -1.56 -16.20 0.01
N GLU A 179 -0.36 -16.65 -0.35
CA GLU A 179 0.14 -17.93 0.14
C GLU A 179 0.24 -17.80 1.65
N THR A 180 -0.41 -18.67 2.42
CA THR A 180 -0.41 -18.53 3.89
C THR A 180 -0.27 -19.85 4.63
N PRO A 181 0.79 -19.94 5.43
CA PRO A 181 1.09 -21.08 6.28
C PRO A 181 1.42 -20.57 7.69
N ASP A 182 0.88 -21.26 8.69
CA ASP A 182 1.37 -21.19 10.09
C ASP A 182 1.43 -22.63 10.60
N LEU A 183 2.47 -22.95 11.37
CA LEU A 183 2.70 -24.31 11.88
C LEU A 183 2.74 -24.28 13.41
N LEU A 184 2.02 -25.19 14.07
CA LEU A 184 1.82 -25.14 15.52
C LEU A 184 2.54 -26.31 16.23
N ALA A 185 3.40 -25.96 17.18
CA ALA A 185 4.18 -26.95 17.93
C ALA A 185 3.54 -26.96 19.30
N VAL A 187 3.19 -27.82 23.21
CA VAL A 187 3.99 -28.14 24.41
C VAL A 187 3.07 -27.94 25.60
N PRO A 188 2.47 -29.02 26.08
CA PRO A 188 1.31 -28.90 26.98
C PRO A 188 1.67 -28.50 28.42
N SER A 189 2.57 -29.24 29.06
CA SER A 189 2.71 -29.16 30.53
C SER A 189 4.15 -29.28 31.07
N ILE A 190 4.41 -28.64 32.21
CA ILE A 190 5.74 -28.64 32.83
C ILE A 190 6.11 -30.04 33.32
N ILE A 191 5.14 -30.71 33.93
CA ILE A 191 5.36 -32.11 34.35
C ILE A 191 5.55 -32.97 33.12
N LYS A 192 4.82 -32.65 32.05
CA LYS A 192 5.00 -33.39 30.80
C LYS A 192 6.42 -33.18 30.28
N LEU A 193 6.93 -31.96 30.34
CA LEU A 193 8.31 -31.66 29.94
C LEU A 193 9.31 -32.43 30.79
N ALA A 194 9.07 -32.45 32.11
CA ALA A 194 9.94 -33.25 33.01
C ALA A 194 9.91 -34.73 32.64
N VAL A 195 8.70 -35.22 32.34
CA VAL A 195 8.54 -36.60 31.88
C VAL A 195 9.29 -36.86 30.58
N SER A 196 9.23 -35.89 29.66
CA SER A 196 9.97 -35.97 28.39
C SER A 196 11.48 -35.99 28.64
N LYS A 197 11.94 -35.16 29.59
CA LYS A 197 13.35 -35.21 30.00
C LYS A 197 13.68 -36.60 30.55
N GLY A 198 12.75 -37.14 31.34
CA GLY A 198 12.80 -38.53 31.80
C GLY A 198 12.33 -39.52 30.71
N ALA A 199 12.25 -40.80 31.11
CA ALA A 199 11.79 -41.96 30.25
C ALA A 199 10.46 -41.75 29.53
N THR A 200 10.25 -42.47 28.42
CA THR A 200 9.10 -42.27 27.53
C THR A 200 7.78 -42.66 28.21
N SER A 201 6.71 -41.98 27.84
CA SER A 201 5.45 -42.14 28.55
C SER A 201 4.84 -43.51 28.28
N HIS A 202 5.15 -44.11 27.12
CA HIS A 202 4.86 -45.55 26.90
C HIS A 202 5.42 -46.33 28.08
N ASP A 203 6.68 -46.01 28.39
CA ASP A 203 7.32 -46.47 29.62
C ASP A 203 6.60 -45.81 30.80
N TYR A 204 6.53 -46.48 31.95
CA TYR A 204 6.02 -45.83 33.16
C TYR A 204 6.67 -44.47 33.41
N ALA A 205 5.87 -43.52 33.87
CA ALA A 205 6.32 -42.16 34.13
C ALA A 205 7.44 -42.14 35.15
N ASN A 206 7.36 -43.08 36.09
CA ASN A 206 8.37 -43.29 37.11
C ASN A 206 8.16 -42.26 38.23
N TYR A 207 6.98 -41.67 38.32
CA TYR A 207 6.50 -41.19 39.65
C TYR A 207 5.95 -42.44 40.35
N LEU A 208 6.20 -42.67 41.64
CA LEU A 208 5.67 -43.91 42.25
C LEU A 208 4.14 -43.90 42.17
N PRO A 209 3.52 -42.71 42.21
CA PRO A 209 2.15 -42.51 41.71
C PRO A 209 2.16 -41.59 40.49
N SER A 210 1.78 -42.15 39.34
CA SER A 210 1.94 -41.54 38.01
C SER A 210 0.83 -40.52 37.70
N ASN A 211 -0.25 -40.55 38.49
CA ASN A 211 -1.38 -39.68 38.32
C ASN A 211 -1.78 -39.04 39.65
N ASP A 212 -2.19 -37.78 39.58
CA ASP A 212 -2.83 -37.10 40.69
C ASP A 212 -4.30 -36.93 40.30
N LEU A 213 -5.19 -37.40 41.17
CA LEU A 213 -6.63 -37.41 40.88
C LEU A 213 -7.33 -36.07 40.91
N GLU A 214 -6.78 -35.10 41.65
CA GLU A 214 -7.46 -33.86 41.98
C GLU A 214 -7.76 -32.97 40.76
N SER A 215 -6.80 -32.84 39.84
CA SER A 215 -6.98 -31.88 38.72
C SER A 215 -6.49 -32.32 37.31
N ARG A 217 -8.58 -32.33 35.16
CA ARG A 217 -9.35 -31.31 34.52
C ARG A 217 -8.39 -30.57 33.61
N PHE A 218 -7.18 -30.23 34.11
CA PHE A 218 -6.17 -29.59 33.28
C PHE A 218 -5.79 -30.51 32.16
N LEU A 219 -5.61 -31.81 32.43
CA LEU A 219 -5.32 -32.80 31.38
C LEU A 219 -6.36 -32.78 30.26
N ASN A 220 -7.62 -32.93 30.66
CA ASN A 220 -8.75 -32.82 29.71
C ASN A 220 -8.68 -31.51 28.91
N ILE A 221 -8.54 -30.41 29.64
CA ILE A 221 -8.50 -29.08 29.03
C ILE A 221 -7.38 -28.99 28.01
N LEU A 222 -6.20 -29.50 28.36
CA LEU A 222 -5.06 -29.56 27.44
C LEU A 222 -5.32 -30.51 26.29
N GLN A 223 -6.11 -31.57 26.56
CA GLN A 223 -6.40 -32.59 25.52
C GLN A 223 -7.47 -32.09 24.52
N SER A 224 -8.56 -31.57 25.09
CA SER A 224 -9.67 -31.03 24.29
C SER A 224 -9.19 -29.92 23.35
N ILE A 225 -8.43 -28.97 23.89
CA ILE A 225 -7.89 -27.84 23.12
C ILE A 225 -7.03 -28.35 21.97
N ALA A 226 -6.14 -29.31 22.28
CA ALA A 226 -5.25 -29.87 21.27
C ALA A 226 -6.10 -30.52 20.19
N ASN A 227 -7.09 -31.32 20.60
CA ASN A 227 -7.99 -31.95 19.63
C ASN A 227 -8.68 -30.91 18.74
N LYS A 228 -9.21 -29.87 19.38
CA LYS A 228 -9.86 -28.80 18.63
C LYS A 228 -8.91 -28.12 17.64
N TRP A 229 -7.70 -27.79 18.10
CA TRP A 229 -6.71 -27.12 17.24
C TRP A 229 -6.32 -28.02 16.07
N PHE A 230 -6.08 -29.30 16.36
CA PHE A 230 -5.75 -30.27 15.29
C PHE A 230 -6.91 -30.36 14.30
N LEU A 231 -8.15 -30.41 14.81
CA LEU A 231 -9.33 -30.41 13.88
C LEU A 231 -9.35 -29.18 12.98
N VAL A 232 -9.11 -28.01 13.57
CA VAL A 232 -9.07 -26.78 12.81
C VAL A 232 -7.94 -26.82 11.78
N LEU A 233 -6.79 -27.35 12.17
CA LEU A 233 -5.66 -27.43 11.27
C LEU A 233 -6.02 -28.34 10.11
N LYS A 234 -6.65 -29.48 10.42
CA LYS A 234 -7.10 -30.44 9.43
C LYS A 234 -8.06 -29.79 8.47
N GLN A 235 -9.05 -29.08 9.01
CA GLN A 235 -10.03 -28.36 8.17
C GLN A 235 -9.34 -27.33 7.26
N THR A 236 -8.41 -26.56 7.84
CA THR A 236 -7.66 -25.55 7.09
C THR A 236 -6.88 -26.20 5.96
N LEU A 237 -6.25 -27.34 6.25
CA LEU A 237 -5.52 -28.10 5.22
C LEU A 237 -6.39 -28.39 3.98
N PHE A 248 -0.93 -20.81 -6.90
CA PHE A 248 -0.25 -21.61 -7.93
C PHE A 248 1.09 -22.18 -7.40
N LEU A 249 2.24 -21.91 -8.05
CA LEU A 249 3.49 -22.46 -7.54
C LEU A 249 3.47 -22.19 -6.05
N ASP A 250 2.95 -21.02 -5.73
CA ASP A 250 2.62 -20.66 -4.37
C ASP A 250 1.73 -21.71 -3.72
N GLU A 251 0.69 -22.13 -4.42
CA GLU A 251 -0.22 -23.17 -3.93
C GLU A 251 0.54 -24.47 -3.60
N VAL A 252 1.41 -24.89 -4.51
CA VAL A 252 2.24 -26.07 -4.28
C VAL A 252 3.18 -25.88 -3.07
N GLU A 253 3.80 -24.70 -2.98
CA GLU A 253 4.65 -24.39 -1.83
C GLU A 253 3.87 -24.44 -0.53
N PHE A 254 2.64 -23.92 -0.56
CA PHE A 254 1.73 -23.95 0.58
C PHE A 254 1.35 -25.39 0.95
N TRP A 255 1.06 -26.20 -0.07
CA TRP A 255 0.81 -27.63 0.17
C TRP A 255 2.03 -28.28 0.80
N SER A 256 3.23 -27.91 0.33
CA SER A 256 4.49 -28.41 0.93
C SER A 256 4.65 -27.99 2.40
N ASN A 257 4.32 -26.73 2.66
CA ASN A 257 4.29 -26.22 4.03
C ASN A 257 3.31 -27.03 4.86
N PHE A 258 2.14 -27.31 4.28
CA PHE A 258 1.14 -28.16 4.93
C PHE A 258 1.70 -29.55 5.24
N TYR A 259 2.42 -30.12 4.28
CA TYR A 259 3.10 -31.42 4.51
C TYR A 259 4.08 -31.35 5.66
N GLU A 260 4.89 -30.28 5.67
CA GLU A 260 5.85 -30.09 6.76
C GLU A 260 5.15 -29.92 8.10
N VAL A 261 4.02 -29.21 8.09
CA VAL A 261 3.21 -29.05 9.30
C VAL A 261 2.63 -30.37 9.77
N LEU A 262 2.17 -31.18 8.83
CA LEU A 262 1.72 -32.53 9.14
C LEU A 262 2.87 -33.34 9.76
N LYS A 263 4.07 -33.18 9.18
CA LYS A 263 5.25 -33.83 9.74
C LYS A 263 5.47 -33.33 11.14
N SER A 264 5.25 -32.03 11.35
CA SER A 264 5.20 -31.49 12.70
C SER A 264 4.06 -32.16 13.42
N LEU A 265 2.96 -32.37 12.69
CA LEU A 265 1.79 -33.08 13.20
C LEU A 265 2.12 -34.52 13.57
N ILE A 266 2.95 -35.17 12.77
CA ILE A 266 3.43 -36.50 13.10
C ILE A 266 4.38 -36.49 14.33
N GLU A 267 5.24 -35.47 14.44
CA GLU A 267 6.06 -35.31 15.65
C GLU A 267 5.15 -35.09 16.86
N GLN A 268 4.07 -34.34 16.66
CA GLN A 268 3.01 -34.14 17.68
C GLN A 268 2.29 -35.45 18.03
N THR A 269 2.15 -36.30 17.03
CA THR A 269 1.51 -37.60 17.18
C THR A 269 2.27 -38.42 18.20
N GLN A 270 3.59 -38.21 18.23
CA GLN A 270 4.52 -38.98 19.04
C GLN A 270 4.44 -38.63 20.52
N SER A 271 5.11 -39.48 21.28
CA SER A 271 4.93 -39.62 22.73
C SER A 271 5.45 -38.45 23.52
N GLN A 272 6.60 -37.91 23.12
CA GLN A 272 7.28 -36.88 23.89
C GLN A 272 6.33 -35.76 24.18
N GLU A 273 5.58 -35.39 23.15
CA GLU A 273 4.42 -34.55 23.38
C GLU A 273 3.62 -35.14 24.53
N PHE A 274 3.73 -36.44 24.71
CA PHE A 274 3.02 -37.19 25.71
C PHE A 274 1.62 -37.35 25.17
N GLN A 275 1.54 -37.46 23.84
CA GLN A 275 0.36 -37.99 23.19
C GLN A 275 0.13 -39.41 23.70
N VAL A 276 1.23 -40.11 23.94
CA VAL A 276 1.18 -41.37 24.67
C VAL A 276 0.63 -41.14 26.09
N CYS A 277 0.99 -40.00 26.73
CA CYS A 277 0.41 -39.66 28.04
C CYS A 277 -1.11 -39.51 27.95
N LEU A 278 -1.51 -38.82 26.89
CA LEU A 278 -2.91 -38.66 26.59
C LEU A 278 -3.59 -40.02 26.36
N SER A 279 -2.93 -40.91 25.62
CA SER A 279 -3.46 -42.26 25.36
C SER A 279 -3.59 -43.03 26.66
N VAL A 280 -2.59 -42.89 27.52
CA VAL A 280 -2.62 -43.50 28.86
C VAL A 280 -3.77 -42.93 29.71
N LEU A 281 -4.00 -41.64 29.63
CA LEU A 281 -5.16 -41.04 30.31
C LEU A 281 -6.46 -41.58 29.71
N THR A 282 -6.50 -41.70 28.39
CA THR A 282 -7.62 -42.27 27.66
C THR A 282 -7.87 -43.68 28.14
N ASN A 283 -6.79 -44.39 28.44
CA ASN A 283 -6.87 -45.53 29.34
C ASN A 283 -7.51 -45.04 30.63
N ALA A 284 -7.12 -43.84 31.05
CA ALA A 284 -7.82 -43.15 32.12
C ALA A 284 -9.25 -42.81 31.66
N LYS A 285 -10.18 -42.84 32.60
CA LYS A 285 -11.63 -42.86 32.30
C LYS A 285 -12.18 -41.75 31.38
N ARG A 286 -11.73 -40.52 31.60
CA ARG A 286 -12.36 -39.36 30.95
C ARG A 286 -12.07 -39.33 29.46
N PHE A 287 -13.09 -39.08 28.64
CA PHE A 287 -12.96 -38.98 27.19
C PHE A 287 -12.17 -40.12 26.53
N HIS A 288 -12.52 -41.34 26.92
CA HIS A 288 -11.73 -42.48 26.48
C HIS A 288 -11.87 -42.79 24.98
N ASN A 289 -13.09 -42.76 24.46
CA ASN A 289 -13.30 -43.18 23.07
C ASN A 289 -12.22 -42.50 22.25
N LEU A 290 -12.10 -41.19 22.42
CA LEU A 290 -11.03 -40.44 21.83
C LEU A 290 -10.97 -40.73 20.28
N THR A 291 -12.11 -41.19 19.76
CA THR A 291 -12.20 -41.65 18.39
C THR A 291 -11.99 -40.48 17.47
N ASN A 292 -12.48 -39.31 17.86
CA ASN A 292 -12.37 -38.12 17.04
C ASN A 292 -10.94 -37.62 16.94
N LEU A 293 -10.23 -37.61 18.06
CA LEU A 293 -8.75 -37.51 18.04
C LEU A 293 -8.10 -38.64 17.26
N LEU A 294 -8.51 -39.88 17.51
CA LEU A 294 -7.97 -41.05 16.81
C LEU A 294 -8.36 -41.13 15.32
N ASN A 295 -9.63 -40.82 15.05
CA ASN A 295 -10.15 -40.66 13.70
C ASN A 295 -9.42 -39.50 13.06
N GLU A 296 -9.09 -38.51 13.89
CA GLU A 296 -8.33 -37.33 13.45
C GLU A 296 -6.93 -37.72 13.06
N GLY A 297 -6.31 -38.64 13.79
CA GLY A 297 -5.01 -39.19 13.39
C GLY A 297 -5.10 -39.88 12.04
N SER A 298 -6.17 -40.67 11.86
CA SER A 298 -6.43 -41.32 10.57
C SER A 298 -6.57 -40.28 9.45
N LEU A 299 -7.32 -39.22 9.77
CA LEU A 299 -7.52 -38.09 8.86
C LEU A 299 -6.22 -37.36 8.53
N SER A 300 -5.35 -37.24 9.53
CA SER A 300 -4.02 -36.63 9.36
C SER A 300 -3.15 -37.51 8.50
N ASP A 301 -3.23 -38.84 8.69
CA ASP A 301 -2.55 -39.78 7.79
C ASP A 301 -3.07 -39.59 6.37
N LYS A 302 -4.40 -39.48 6.24
CA LYS A 302 -5.01 -39.20 4.93
C LYS A 302 -4.48 -37.89 4.32
N PHE A 303 -4.34 -36.87 5.17
CA PHE A 303 -3.83 -35.57 4.75
C PHE A 303 -2.37 -35.67 4.32
N LYS A 304 -1.57 -36.44 5.06
CA LYS A 304 -0.20 -36.69 4.67
C LYS A 304 -0.18 -37.42 3.32
N LEU A 305 -1.08 -38.39 3.16
CA LEU A 305 -1.22 -39.09 1.87
C LEU A 305 -1.59 -38.12 0.75
N ALA A 306 -2.49 -37.16 1.03
CA ALA A 306 -2.86 -36.13 0.07
C ALA A 306 -1.68 -35.23 -0.26
N ASP A 307 -0.90 -34.86 0.75
CA ASP A 307 0.30 -34.07 0.56
C ASP A 307 1.23 -34.85 -0.34
N LYS A 308 1.30 -36.14 -0.10
CA LYS A 308 1.99 -37.03 -1.01
C LYS A 308 1.37 -36.88 -2.41
N TYR A 309 0.05 -36.79 -2.46
CA TYR A 309 -0.66 -36.59 -3.71
C TYR A 309 -0.49 -35.17 -4.25
N ASN A 310 -0.58 -34.17 -3.37
CA ASN A 310 -0.39 -32.79 -3.76
C ASN A 310 1.07 -32.63 -4.14
N GLN A 311 1.96 -33.23 -3.36
CA GLN A 311 3.41 -33.07 -3.60
C GLN A 311 3.90 -33.32 -5.03
N PHE A 312 3.29 -34.26 -5.74
CA PHE A 312 3.71 -34.56 -7.14
C PHE A 312 3.31 -33.42 -8.07
N LEU A 313 4.27 -32.93 -8.84
CA LEU A 313 4.01 -31.90 -9.82
C LEU A 313 4.88 -32.07 -11.05
N SER A 314 4.26 -32.15 -12.23
CA SER A 314 4.99 -32.00 -13.49
C SER A 314 5.64 -30.62 -13.52
N SER A 315 6.90 -30.55 -13.95
CA SER A 315 7.61 -29.28 -14.00
C SER A 315 6.97 -28.34 -15.01
N ILE A 316 6.80 -27.08 -14.62
CA ILE A 316 6.59 -25.97 -15.55
C ILE A 316 7.86 -25.10 -15.51
N PRO A 317 8.43 -24.83 -16.68
CA PRO A 317 9.83 -24.49 -16.78
C PRO A 317 10.07 -23.16 -17.46
N ILE A 318 10.98 -22.36 -16.90
CA ILE A 318 11.39 -21.12 -17.52
C ILE A 318 12.21 -21.41 -18.77
N ASP A 319 12.12 -20.52 -19.75
CA ASP A 319 12.84 -20.71 -21.01
C ASP A 319 14.29 -20.29 -20.85
N GLU A 328 13.34 -23.67 -27.53
CA GLU A 328 13.36 -25.07 -27.94
C GLU A 328 11.94 -25.62 -28.06
N ASP A 329 11.44 -25.63 -29.29
CA ASP A 329 10.12 -26.17 -29.62
C ASP A 329 10.00 -27.64 -29.23
N LEU A 330 11.09 -28.38 -29.49
CA LEU A 330 11.25 -29.74 -28.98
C LEU A 330 11.12 -29.76 -27.46
N GLN A 331 11.73 -28.77 -26.80
CA GLN A 331 11.65 -28.68 -25.35
C GLN A 331 10.21 -28.47 -24.90
N GLU A 332 9.49 -27.61 -25.64
CA GLU A 332 8.08 -27.35 -25.40
C GLU A 332 7.27 -28.62 -25.58
N LEU A 333 7.57 -29.37 -26.64
CA LEU A 333 6.92 -30.67 -26.86
C LEU A 333 7.22 -31.67 -25.73
N PHE A 334 8.47 -31.69 -25.24
CA PHE A 334 8.85 -32.53 -24.09
C PHE A 334 8.03 -32.13 -22.87
N PRO A 335 7.93 -30.81 -22.65
CA PRO A 335 7.11 -30.26 -21.55
C PRO A 335 5.66 -30.71 -21.68
N VAL A 336 5.13 -30.63 -22.91
CA VAL A 336 3.76 -31.09 -23.18
C VAL A 336 3.60 -32.59 -22.90
N LEU A 337 4.59 -33.38 -23.30
CA LEU A 337 4.56 -34.82 -23.00
C LEU A 337 4.56 -35.03 -21.50
N ALA A 338 5.40 -34.26 -20.80
CA ALA A 338 5.43 -34.35 -19.33
C ALA A 338 4.06 -33.96 -18.73
N SER A 339 3.43 -32.93 -19.30
CA SER A 339 2.10 -32.53 -18.86
C SER A 339 1.06 -33.60 -19.12
N SER A 340 1.18 -34.25 -20.27
CA SER A 340 0.32 -35.38 -20.59
C SER A 340 0.54 -36.52 -19.58
N LEU A 341 1.81 -36.78 -19.24
CA LEU A 341 2.12 -37.78 -18.20
C LEU A 341 1.49 -37.37 -16.85
N LYS A 342 1.55 -36.08 -16.54
CA LYS A 342 0.90 -35.56 -15.33
C LYS A 342 -0.62 -35.72 -15.36
N LYS A 343 -1.23 -35.49 -16.52
CA LYS A 343 -2.66 -35.73 -16.70
C LYS A 343 -2.94 -37.22 -16.51
N PHE A 344 -2.06 -38.06 -17.04
CA PHE A 344 -2.18 -39.52 -16.87
C PHE A 344 -2.10 -39.96 -15.40
N ARG A 345 -1.18 -39.35 -14.64
CA ARG A 345 -0.82 -39.79 -13.23
C ARG A 345 -1.98 -40.25 -12.35
N TYR A 346 -1.70 -41.23 -11.50
CA TYR A 346 -2.69 -41.94 -10.67
C TYR A 346 -3.63 -41.00 -9.93
N SER A 347 -4.91 -41.37 -9.86
CA SER A 347 -5.90 -40.49 -9.24
C SER A 347 -5.63 -40.22 -7.75
N GLY A 348 -5.76 -38.96 -7.40
CA GLY A 348 -5.93 -38.56 -6.00
C GLY A 348 -7.06 -37.55 -5.99
N TYR A 349 -7.79 -37.46 -4.89
CA TYR A 349 -9.10 -36.73 -4.88
C TYR A 349 -8.99 -35.35 -5.53
N PRO A 350 -9.68 -35.17 -6.66
CA PRO A 350 -9.74 -33.91 -7.37
C PRO A 350 -11.16 -33.36 -7.31
N VAL A 351 -11.34 -32.23 -6.63
CA VAL A 351 -12.53 -31.38 -6.80
C VAL A 351 -12.31 -30.54 -8.04
N GLN A 352 -13.32 -29.76 -8.40
CA GLN A 352 -13.18 -28.83 -9.52
C GLN A 352 -11.77 -28.30 -9.44
N ARG A 353 -11.24 -28.19 -8.22
CA ARG A 353 -9.93 -27.59 -8.01
C ARG A 353 -8.89 -28.10 -9.00
N PHE A 354 -8.93 -29.39 -9.31
CA PHE A 354 -8.01 -29.95 -10.27
C PHE A 354 -8.29 -29.32 -11.63
N VAL A 355 -9.56 -29.18 -11.98
CA VAL A 355 -9.94 -28.51 -13.23
C VAL A 355 -9.46 -27.06 -13.24
N VAL A 356 -9.66 -26.34 -12.14
CA VAL A 356 -9.18 -24.95 -12.08
C VAL A 356 -7.67 -24.89 -12.27
N LEU A 357 -6.97 -25.82 -11.61
CA LEU A 357 -5.51 -25.91 -11.78
C LEU A 357 -5.16 -26.20 -13.24
N ASP A 359 -6.92 -25.43 -15.83
CA ASP A 359 -7.14 -24.17 -16.55
C ASP A 359 -6.01 -23.18 -16.34
N LYS A 360 -5.60 -23.00 -15.09
CA LYS A 360 -4.49 -22.10 -14.81
C LYS A 360 -3.21 -22.54 -15.55
N ILE A 361 -2.96 -23.86 -15.57
CA ILE A 361 -1.80 -24.42 -16.27
C ILE A 361 -1.84 -24.12 -17.76
N SER A 362 -3.01 -24.29 -18.37
CA SER A 362 -3.19 -23.98 -19.80
C SER A 362 -2.89 -22.50 -20.05
N GLN A 363 -3.40 -21.63 -19.16
CA GLN A 363 -3.17 -20.19 -19.28
C GLN A 363 -1.67 -19.88 -19.15
N GLU A 364 -1.03 -20.52 -18.17
CA GLU A 364 0.42 -20.35 -18.01
C GLU A 364 1.18 -20.84 -19.25
N VAL A 365 0.75 -21.97 -19.81
CA VAL A 365 1.37 -22.52 -21.03
C VAL A 365 1.24 -21.56 -22.20
N ASP A 367 1.10 -18.52 -21.68
CA ASP A 367 2.15 -17.59 -21.23
C ASP A 367 3.51 -18.06 -21.72
N ALA A 368 3.74 -19.37 -21.70
CA ALA A 368 4.98 -19.95 -22.23
C ALA A 368 5.07 -19.70 -23.74
N ILE A 369 3.92 -19.78 -24.44
CA ILE A 369 3.92 -19.47 -25.87
C ILE A 369 4.31 -18.00 -26.06
N LEU A 370 3.84 -17.15 -25.16
CA LEU A 370 4.20 -15.73 -25.15
C LEU A 370 5.70 -15.53 -24.91
N SER A 371 6.25 -16.27 -23.95
CA SER A 371 7.67 -16.22 -23.63
C SER A 371 8.48 -16.66 -24.83
N ASN A 372 8.02 -17.73 -25.49
CA ASN A 372 8.64 -18.19 -26.73
C ASN A 372 8.55 -17.14 -27.83
N LEU A 373 7.41 -16.47 -27.90
CA LEU A 373 7.25 -15.41 -28.90
C LEU A 373 8.22 -14.26 -28.63
N SER A 374 8.37 -13.93 -27.35
CA SER A 374 9.32 -12.90 -26.90
C SER A 374 10.73 -13.06 -27.49
N TYR A 381 11.73 -9.27 -42.11
CA TYR A 381 12.57 -10.36 -42.57
C TYR A 381 11.72 -11.58 -42.97
N GLY A 382 11.89 -12.04 -44.21
CA GLY A 382 11.12 -13.18 -44.73
C GLY A 382 11.37 -14.46 -43.92
N SER A 383 12.64 -14.70 -43.59
CA SER A 383 13.02 -15.83 -42.75
C SER A 383 12.37 -15.72 -41.37
N PHE A 384 12.38 -14.51 -40.81
CA PHE A 384 11.71 -14.24 -39.54
C PHE A 384 10.21 -14.52 -39.64
N LEU A 385 9.60 -14.07 -40.74
CA LEU A 385 8.18 -14.36 -40.99
C LEU A 385 7.92 -15.87 -41.09
N GLY A 386 8.81 -16.58 -41.79
CA GLY A 386 8.72 -18.05 -41.86
C GLY A 386 8.84 -18.69 -40.48
N LEU A 387 9.78 -18.19 -39.68
CA LEU A 387 9.94 -18.64 -38.29
C LEU A 387 8.67 -18.37 -37.49
N TYR A 388 8.08 -17.20 -37.67
CA TYR A 388 6.81 -16.85 -37.03
C TYR A 388 5.71 -17.81 -37.46
N GLU A 389 5.66 -18.11 -38.76
CA GLU A 389 4.69 -19.09 -39.26
C GLU A 389 4.91 -20.47 -38.62
N LYS A 390 6.18 -20.89 -38.52
CA LYS A 390 6.50 -22.15 -37.84
C LYS A 390 6.05 -22.11 -36.38
N SER A 391 6.29 -20.98 -35.72
CA SER A 391 5.80 -20.77 -34.37
C SER A 391 4.28 -20.88 -34.31
N ALA A 392 3.60 -20.34 -35.32
CA ALA A 392 2.12 -20.43 -35.40
C ALA A 392 1.63 -21.87 -35.55
N GLY A 393 2.33 -22.65 -36.40
CA GLY A 393 2.02 -24.09 -36.52
C GLY A 393 2.20 -24.80 -35.18
N ILE A 395 1.98 -23.30 -32.25
CA ILE A 395 0.88 -22.80 -31.43
C ILE A 395 -0.40 -23.57 -31.71
N GLU A 396 -0.68 -23.84 -32.99
CA GLU A 396 -1.81 -24.73 -33.35
C GLU A 396 -1.69 -26.11 -32.70
N GLU A 397 -0.49 -26.67 -32.73
CA GLU A 397 -0.23 -27.98 -32.08
C GLU A 397 -0.46 -27.91 -30.56
N TRP A 398 -0.02 -26.80 -29.96
CA TRP A 398 -0.22 -26.54 -28.54
C TRP A 398 -1.70 -26.42 -28.21
N ASP A 399 -2.44 -25.73 -29.09
CA ASP A 399 -3.89 -25.64 -28.97
C ASP A 399 -4.52 -27.02 -29.06
N ASP A 400 -4.01 -27.84 -29.99
CA ASP A 400 -4.46 -29.24 -30.08
C ASP A 400 -4.18 -30.00 -28.77
N ILE A 401 -2.98 -29.80 -28.22
CA ILE A 401 -2.63 -30.42 -26.94
C ILE A 401 -3.54 -29.97 -25.83
N VAL A 402 -3.88 -28.68 -25.83
CA VAL A 402 -4.87 -28.19 -24.90
C VAL A 402 -6.20 -28.91 -25.12
N GLN A 403 -6.49 -29.20 -26.41
CA GLN A 403 -7.66 -30.03 -26.72
C GLN A 403 -7.53 -31.38 -26.04
N ASP A 404 -6.29 -31.90 -26.06
CA ASP A 404 -5.97 -33.11 -25.32
C ASP A 404 -6.30 -32.92 -23.87
N VAL A 405 -5.95 -31.74 -23.33
CA VAL A 405 -6.24 -31.46 -21.93
C VAL A 405 -7.74 -31.56 -21.70
N ASN A 406 -8.53 -30.94 -22.57
CA ASN A 406 -9.99 -31.00 -22.44
C ASN A 406 -10.54 -32.44 -22.51
N LEU A 407 -9.99 -33.22 -23.46
CA LEU A 407 -10.37 -34.64 -23.57
C LEU A 407 -10.05 -35.39 -22.29
N LEU A 408 -8.84 -35.19 -21.76
CA LEU A 408 -8.49 -35.82 -20.47
C LEU A 408 -9.43 -35.34 -19.35
N ILE A 409 -9.75 -34.04 -19.35
CA ILE A 409 -10.65 -33.42 -18.37
C ILE A 409 -12.03 -34.05 -18.41
N ARG A 410 -12.53 -34.35 -19.61
CA ARG A 410 -13.78 -35.13 -19.71
C ARG A 410 -13.86 -36.38 -18.76
N ARG B 7 -15.52 -2.38 -23.70
CA ARG B 7 -16.73 -2.86 -22.97
C ARG B 7 -16.88 -2.14 -21.63
N LEU B 8 -16.15 -2.56 -20.60
CA LEU B 8 -16.13 -1.85 -19.32
C LEU B 8 -15.68 -0.41 -19.55
N ALA B 9 -14.64 -0.25 -20.36
CA ALA B 9 -14.16 1.07 -20.75
C ALA B 9 -15.25 1.86 -21.47
N ASN B 10 -15.96 1.21 -22.40
CA ASN B 10 -17.05 1.87 -23.11
C ASN B 10 -18.14 2.32 -22.14
N GLU B 11 -18.49 1.45 -21.19
CA GLU B 11 -19.46 1.78 -20.15
C GLU B 11 -19.00 2.95 -19.31
N LEU B 12 -17.73 2.93 -18.90
CA LEU B 12 -17.15 4.04 -18.16
C LEU B 12 -17.23 5.34 -18.98
N ILE B 13 -16.89 5.26 -20.26
CA ILE B 13 -16.99 6.42 -21.16
C ILE B 13 -18.42 6.93 -21.26
N GLU B 14 -19.38 6.01 -21.41
CA GLU B 14 -20.80 6.39 -21.46
C GLU B 14 -21.20 7.07 -20.18
N PHE B 15 -20.76 6.51 -19.06
CA PHE B 15 -21.05 7.10 -17.74
C PHE B 15 -20.49 8.51 -17.68
N VAL B 16 -19.24 8.67 -18.11
CA VAL B 16 -18.63 9.99 -18.14
C VAL B 16 -19.43 10.93 -19.05
N ALA B 17 -19.84 10.47 -20.23
CA ALA B 17 -20.64 11.32 -21.14
C ALA B 17 -21.94 11.77 -20.49
N ALA B 18 -22.66 10.81 -19.86
CA ALA B 18 -23.90 11.19 -19.16
C ALA B 18 -23.62 12.16 -18.03
N THR B 19 -22.61 11.90 -17.22
CA THR B 19 -22.20 12.87 -16.17
C THR B 19 -21.85 14.27 -16.75
N VAL B 20 -21.12 14.29 -17.84
CA VAL B 20 -20.83 15.56 -18.51
C VAL B 20 -22.09 16.24 -18.99
N THR B 21 -23.05 15.48 -19.51
CA THR B 21 -24.39 16.02 -19.80
C THR B 21 -25.51 15.51 -18.86
N GLY B 22 -25.14 14.77 -17.81
CA GLY B 22 -26.10 14.27 -16.85
C GLY B 22 -26.00 15.18 -15.64
N ILE B 23 -27.17 15.66 -15.22
CA ILE B 23 -27.29 16.41 -13.99
C ILE B 23 -27.29 15.46 -12.79
N LYS B 24 -26.92 15.99 -11.64
CA LYS B 24 -27.36 15.42 -10.36
C LYS B 24 -28.76 16.02 -10.13
N ASN B 25 -29.79 15.21 -10.33
CA ASN B 25 -31.09 15.73 -10.77
C ASN B 25 -31.76 16.67 -9.77
N SER B 26 -31.73 16.27 -8.50
CA SER B 26 -32.35 17.00 -7.38
C SER B 26 -31.29 17.42 -6.36
N PRO B 27 -31.35 18.67 -5.89
CA PRO B 27 -30.20 19.31 -5.23
C PRO B 27 -30.26 19.46 -3.70
N LYS B 28 -31.25 18.83 -3.07
CA LYS B 28 -31.53 18.98 -1.63
C LYS B 28 -30.41 18.55 -0.66
N GLU B 29 -30.30 19.29 0.46
CA GLU B 29 -29.37 19.01 1.55
C GLU B 29 -27.93 18.71 1.09
N ASN B 30 -27.40 19.66 0.35
CA ASN B 30 -26.11 19.51 -0.30
C ASN B 30 -24.90 19.61 0.65
N GLU B 31 -24.23 18.48 0.83
CA GLU B 31 -22.94 18.33 1.51
C GLU B 31 -22.07 17.45 0.59
N GLN B 32 -20.74 17.47 0.77
CA GLN B 32 -19.84 16.67 -0.11
C GLN B 32 -20.17 15.20 -0.17
N ALA B 33 -20.42 14.62 0.99
CA ALA B 33 -20.89 13.24 1.06
C ALA B 33 -22.22 13.06 0.32
N PHE B 34 -23.10 14.06 0.40
CA PHE B 34 -24.40 14.00 -0.29
C PHE B 34 -24.20 14.03 -1.79
N ILE B 35 -23.31 14.90 -2.24
CA ILE B 35 -22.96 14.96 -3.63
C ILE B 35 -22.30 13.66 -4.09
N ASP B 36 -21.46 13.08 -3.23
CA ASP B 36 -20.91 11.74 -3.50
C ASP B 36 -22.00 10.66 -3.60
N TYR B 37 -23.03 10.75 -2.74
CA TYR B 37 -24.24 9.92 -2.82
C TYR B 37 -24.95 10.08 -4.15
N LEU B 38 -25.10 11.34 -4.54
CA LEU B 38 -25.69 11.65 -5.83
C LEU B 38 -24.84 11.05 -6.96
N HIS B 39 -23.52 11.10 -6.82
CA HIS B 39 -22.62 10.47 -7.77
C HIS B 39 -22.82 8.96 -7.81
N CYS B 40 -23.01 8.36 -6.62
CA CYS B 40 -23.38 6.94 -6.53
C CYS B 40 -24.70 6.67 -7.24
N GLN B 41 -25.67 7.57 -7.07
CA GLN B 41 -26.95 7.47 -7.80
C GLN B 41 -26.72 7.57 -9.31
N TYR B 42 -25.84 8.47 -9.72
CA TYR B 42 -25.46 8.63 -11.12
C TYR B 42 -24.87 7.36 -11.64
N LEU B 43 -24.03 6.75 -10.82
CA LEU B 43 -23.52 5.44 -11.14
C LEU B 43 -24.71 4.50 -11.34
N GLU B 44 -25.70 4.59 -10.45
CA GLU B 44 -26.93 3.83 -10.67
C GLU B 44 -27.49 4.07 -12.06
N ARG B 45 -27.49 5.34 -12.49
CA ARG B 45 -27.98 5.66 -13.84
C ARG B 45 -27.11 4.96 -14.87
N PHE B 46 -25.79 4.94 -14.67
CA PHE B 46 -24.90 4.31 -15.65
C PHE B 46 -25.21 2.82 -15.73
N GLN B 47 -25.41 2.20 -14.57
CA GLN B 47 -25.78 0.79 -14.48
C GLN B 47 -27.10 0.53 -15.19
N PHE B 48 -28.10 1.37 -14.95
CA PHE B 48 -29.37 1.26 -15.66
C PHE B 48 -29.19 1.39 -17.17
N PHE B 49 -28.37 2.36 -17.58
CA PHE B 49 -28.12 2.59 -19.01
C PHE B 49 -27.41 1.39 -19.64
N LEU B 50 -26.44 0.79 -18.94
CA LEU B 50 -25.82 -0.45 -19.45
C LEU B 50 -26.83 -1.61 -19.51
N GLY B 51 -27.59 -1.73 -18.42
CA GLY B 51 -28.61 -2.76 -18.20
C GLY B 51 -28.36 -4.08 -18.94
N LEU B 61 -8.81 -3.48 -14.73
CA LEU B 61 -9.40 -2.54 -13.78
C LEU B 61 -9.36 -1.10 -14.35
N PHE B 62 -10.40 -0.30 -14.07
CA PHE B 62 -10.47 1.10 -14.53
C PHE B 62 -10.58 1.99 -13.30
N VAL B 63 -10.48 3.30 -13.49
CA VAL B 63 -10.66 4.30 -12.43
C VAL B 63 -11.26 5.58 -13.03
N PHE B 64 -12.31 6.12 -12.41
CA PHE B 64 -13.02 7.29 -12.94
C PHE B 64 -13.06 8.37 -11.89
N LEU B 65 -12.17 9.34 -12.01
CA LEU B 65 -12.20 10.56 -11.19
C LEU B 65 -13.48 11.37 -11.45
N PHE B 66 -13.97 12.07 -10.43
CA PHE B 66 -15.22 12.79 -10.50
C PHE B 66 -15.26 13.97 -9.53
N ILE B 73 -16.95 17.51 -12.45
CA ILE B 73 -15.84 16.87 -13.16
C ILE B 73 -16.15 15.43 -13.59
N VAL B 74 -15.58 14.99 -14.71
CA VAL B 74 -15.35 13.57 -14.97
C VAL B 74 -14.10 13.35 -15.85
N THR B 75 -13.33 12.31 -15.51
CA THR B 75 -12.24 11.74 -16.34
C THR B 75 -12.10 10.24 -16.08
N ILE B 76 -11.25 9.58 -16.85
CA ILE B 76 -10.94 8.16 -16.66
C ILE B 76 -9.44 7.80 -16.66
N ASP B 77 -9.16 6.54 -16.28
CA ASP B 77 -7.85 5.89 -16.47
C ASP B 77 -7.97 4.37 -16.40
N ILE B 78 -7.38 3.65 -17.36
CA ILE B 78 -7.60 2.19 -17.47
C ILE B 78 -6.28 1.41 -17.66
N ALA B 82 -6.07 20.02 -18.21
CA ALA B 82 -6.03 21.48 -17.97
C ALA B 82 -6.90 21.90 -16.79
N ILE B 83 -8.11 21.36 -16.73
CA ILE B 83 -9.01 21.56 -15.60
C ILE B 83 -8.36 21.10 -14.29
N TYR B 84 -7.73 19.92 -14.35
CA TYR B 84 -6.99 19.38 -13.21
C TYR B 84 -5.86 20.34 -12.80
N ASP B 85 -5.14 20.87 -13.78
CA ASP B 85 -4.07 21.84 -13.52
C ASP B 85 -4.63 23.12 -12.87
N ALA B 86 -5.76 23.58 -13.39
CA ALA B 86 -6.45 24.74 -12.79
C ALA B 86 -6.84 24.44 -11.35
N ASN B 87 -7.35 23.22 -11.13
CA ASN B 87 -7.68 22.76 -9.77
C ASN B 87 -6.45 22.73 -8.86
N LEU B 88 -5.33 22.24 -9.39
CA LEU B 88 -4.08 22.26 -8.64
C LEU B 88 -3.64 23.69 -8.32
N ALA B 89 -3.80 24.59 -9.30
CA ALA B 89 -3.48 26.01 -9.08
C ALA B 89 -4.38 26.68 -8.03
N ASN B 90 -5.71 26.59 -8.21
CA ASN B 90 -6.66 27.25 -7.28
C ASN B 90 -6.38 26.84 -5.83
N SER B 94 -11.68 15.24 -6.64
CA SER B 94 -12.44 15.13 -5.40
C SER B 94 -12.65 13.66 -5.00
N THR B 95 -13.06 12.81 -5.94
CA THR B 95 -13.20 11.38 -5.67
C THR B 95 -12.94 10.54 -6.89
N LEU B 96 -12.32 9.38 -6.72
CA LEU B 96 -12.13 8.43 -7.80
C LEU B 96 -12.75 7.09 -7.43
N LEU B 97 -13.65 6.59 -8.26
CA LEU B 97 -14.31 5.33 -7.99
C LEU B 97 -13.81 4.28 -8.97
N ILE B 98 -13.03 3.35 -8.43
CA ILE B 98 -12.41 2.31 -9.23
C ILE B 98 -13.47 1.39 -9.80
N ILE B 99 -13.03 0.60 -10.76
CA ILE B 99 -13.77 -0.56 -11.22
C ILE B 99 -12.89 -1.82 -11.21
N GLN B 114 -18.28 -3.36 -9.40
CA GLN B 114 -17.49 -3.69 -8.21
C GLN B 114 -16.46 -2.58 -7.88
N ILE B 115 -16.87 -1.65 -7.01
CA ILE B 115 -16.29 -0.30 -7.01
C ILE B 115 -15.52 -0.16 -5.72
N SER B 116 -14.45 0.63 -5.81
CA SER B 116 -13.66 1.02 -4.64
C SER B 116 -13.60 2.55 -4.67
N ALA B 117 -14.63 3.16 -4.08
CA ALA B 117 -14.87 4.58 -4.20
C ALA B 117 -14.06 5.36 -3.14
N ILE B 118 -12.85 5.72 -3.54
CA ILE B 118 -12.01 6.56 -2.68
C ILE B 118 -12.46 8.03 -2.76
N TYR B 119 -12.05 8.85 -1.79
CA TYR B 119 -12.23 10.34 -1.84
C TYR B 119 -10.93 11.08 -1.54
N ASN B 125 -2.08 14.36 -4.56
CA ASN B 125 -2.53 13.94 -3.25
C ASN B 125 -1.79 12.66 -2.81
N ALA B 126 -0.54 12.52 -3.25
CA ALA B 126 0.27 11.32 -3.00
C ALA B 126 0.34 10.98 -1.51
N GLY B 127 0.62 11.99 -0.71
CA GLY B 127 0.67 11.86 0.75
C GLY B 127 -0.66 11.34 1.29
N ASN B 128 -1.76 11.95 0.87
CA ASN B 128 -3.11 11.52 1.29
C ASN B 128 -3.35 10.07 0.91
N LEU B 129 -2.99 9.72 -0.33
CA LEU B 129 -3.18 8.34 -0.81
C LEU B 129 -2.37 7.37 0.03
N ALA B 130 -1.10 7.72 0.25
CA ALA B 130 -0.22 6.88 1.04
C ALA B 130 -0.74 6.75 2.48
N SER B 131 -1.24 7.84 3.06
CA SER B 131 -1.80 7.82 4.41
C SER B 131 -3.01 6.91 4.45
N ILE B 132 -3.86 7.03 3.42
CA ILE B 132 -5.02 6.17 3.31
C ILE B 132 -4.58 4.71 3.28
N ILE B 133 -3.59 4.43 2.43
CA ILE B 133 -3.01 3.07 2.29
C ILE B 133 -2.47 2.57 3.63
N THR B 134 -1.75 3.43 4.35
CA THR B 134 -1.19 3.11 5.67
C THR B 134 -2.30 2.77 6.65
N HIS B 135 -3.35 3.61 6.67
CA HIS B 135 -4.52 3.34 7.50
C HIS B 135 -5.14 1.99 7.15
N GLY B 136 -5.31 1.74 5.84
CA GLY B 136 -5.83 0.43 5.38
C GLY B 136 -4.96 -0.74 5.83
N VAL B 137 -3.64 -0.58 5.71
CA VAL B 137 -2.68 -1.59 6.17
C VAL B 137 -2.81 -1.83 7.67
N SER B 138 -2.91 -0.74 8.44
CA SER B 138 -3.13 -0.86 9.89
C SER B 138 -4.43 -1.59 10.19
N SER B 139 -5.50 -1.24 9.47
CA SER B 139 -6.78 -1.96 9.63
C SER B 139 -6.64 -3.44 9.30
N VAL B 140 -5.93 -3.74 8.21
CA VAL B 140 -5.68 -5.14 7.82
C VAL B 140 -4.90 -5.88 8.91
N PHE B 141 -3.86 -5.24 9.45
CA PHE B 141 -3.10 -5.84 10.56
C PHE B 141 -3.99 -6.04 11.80
N GLY B 142 -4.84 -5.05 12.07
CA GLY B 142 -5.80 -5.11 13.19
C GLY B 142 -6.73 -6.28 13.00
N GLN B 143 -7.20 -6.50 11.77
CA GLN B 143 -7.99 -7.70 11.49
C GLN B 143 -7.26 -8.94 11.98
N LEU B 144 -5.92 -8.97 11.86
CA LEU B 144 -5.14 -10.17 12.27
C LEU B 144 -5.58 -10.79 13.58
N ILE B 145 -5.80 -9.97 14.61
CA ILE B 145 -6.13 -10.57 15.91
C ILE B 145 -7.05 -11.77 15.69
N LYS B 146 -7.87 -11.73 14.63
CA LYS B 146 -8.70 -12.92 14.24
C LYS B 146 -7.94 -14.25 14.19
N SER B 147 -6.75 -14.24 13.59
CA SER B 147 -5.94 -15.45 13.38
C SER B 147 -6.64 -16.51 12.49
N ILE B 157 2.53 -16.94 9.14
CA ILE B 157 2.41 -16.17 10.39
C ILE B 157 3.51 -15.11 10.53
N ASP B 158 4.73 -15.56 10.81
CA ASP B 158 5.89 -14.66 10.85
C ASP B 158 6.04 -14.02 9.46
N LYS B 159 5.75 -14.79 8.42
CA LYS B 159 5.65 -14.27 7.06
C LYS B 159 4.59 -13.16 6.95
N THR B 160 3.46 -13.34 7.62
CA THR B 160 2.40 -12.33 7.65
C THR B 160 2.86 -11.06 8.36
N ARG B 161 3.59 -11.25 9.48
CA ARG B 161 4.24 -10.12 10.16
C ARG B 161 5.23 -9.43 9.23
N ARG B 162 5.99 -10.23 8.47
CA ARG B 162 6.90 -9.70 7.46
C ARG B 162 6.14 -8.85 6.46
N LYS B 163 4.99 -9.36 5.99
CA LYS B 163 4.12 -8.61 5.09
C LYS B 163 3.58 -7.31 5.72
N LEU B 164 3.17 -7.37 6.98
CA LEU B 164 2.77 -6.13 7.71
C LEU B 164 3.92 -5.13 7.81
N ASP B 165 5.12 -5.60 8.16
CA ASP B 165 6.30 -4.73 8.18
C ASP B 165 6.50 -4.09 6.80
N ASP B 166 6.34 -4.91 5.76
CA ASP B 166 6.48 -4.43 4.38
C ASP B 166 5.49 -3.32 4.04
N ILE B 167 4.25 -3.43 4.51
CA ILE B 167 3.26 -2.36 4.29
C ILE B 167 3.70 -1.05 4.95
N SER B 168 4.22 -1.15 6.18
CA SER B 168 4.76 0.02 6.87
C SER B 168 5.96 0.58 6.11
N LYS B 169 6.81 -0.31 5.59
CA LYS B 169 7.92 0.11 4.73
C LYS B 169 7.42 0.85 3.49
N GLN B 170 6.35 0.34 2.88
CA GLN B 170 5.69 1.00 1.75
C GLN B 170 5.16 2.37 2.15
N PHE B 171 4.48 2.47 3.30
CA PHE B 171 4.04 3.79 3.82
C PHE B 171 5.23 4.74 3.97
N GLN B 172 6.31 4.22 4.56
CA GLN B 172 7.55 5.02 4.72
C GLN B 172 8.08 5.50 3.37
N GLN B 173 8.15 4.59 2.40
CA GLN B 173 8.61 4.92 1.06
C GLN B 173 7.69 5.97 0.42
N LEU B 174 6.39 5.79 0.59
CA LEU B 174 5.41 6.75 0.06
C LEU B 174 5.60 8.13 0.70
N HIS B 175 5.87 8.17 2.01
CA HIS B 175 6.16 9.45 2.68
C HIS B 175 7.39 10.13 2.07
N THR B 176 8.45 9.36 1.81
CA THR B 176 9.64 9.88 1.12
C THR B 176 9.30 10.36 -0.29
N SER B 177 8.44 9.61 -0.97
CA SER B 177 7.93 10.04 -2.27
C SER B 177 7.22 11.40 -2.21
N ILE B 178 6.39 11.60 -1.18
CA ILE B 178 5.72 12.89 -0.99
C ILE B 178 6.76 13.96 -0.75
N GLU B 179 7.77 13.64 0.07
CA GLU B 179 8.80 14.63 0.42
C GLU B 179 9.68 15.16 -0.73
N THR B 180 10.04 14.26 -1.65
CA THR B 180 11.26 14.44 -2.45
C THR B 180 11.10 14.60 -3.97
N PRO B 181 9.93 15.03 -4.47
CA PRO B 181 9.82 15.27 -5.94
C PRO B 181 10.66 16.49 -6.40
N ASP B 182 11.50 16.31 -7.44
CA ASP B 182 12.40 17.35 -7.94
C ASP B 182 12.83 17.03 -9.38
N LEU B 183 12.93 18.08 -10.21
CA LEU B 183 13.06 17.96 -11.68
C LEU B 183 14.25 18.79 -12.16
N LEU B 184 15.09 18.24 -13.04
CA LEU B 184 16.43 18.79 -13.20
C LEU B 184 16.84 19.71 -14.40
N ALA B 185 16.92 19.20 -15.63
CA ALA B 185 17.75 19.90 -16.64
C ALA B 185 17.41 19.65 -18.09
N VAL B 187 18.99 20.18 -22.27
CA VAL B 187 20.21 20.25 -23.02
C VAL B 187 20.01 20.34 -24.53
N PRO B 188 20.36 21.49 -25.11
CA PRO B 188 20.78 21.57 -26.51
C PRO B 188 22.20 21.06 -26.56
N SER B 189 22.39 19.86 -27.10
CA SER B 189 23.70 19.16 -27.05
C SER B 189 24.28 18.75 -28.40
N ILE B 190 23.45 18.56 -29.42
CA ILE B 190 23.90 17.98 -30.70
C ILE B 190 24.85 18.94 -31.45
N ILE B 191 24.50 20.23 -31.46
CA ILE B 191 25.33 21.30 -32.00
C ILE B 191 25.97 22.24 -30.98
N LYS B 192 25.25 22.54 -29.90
CA LYS B 192 25.72 23.44 -28.85
C LYS B 192 26.76 22.84 -27.90
N LEU B 193 26.54 21.60 -27.45
CA LEU B 193 27.48 20.96 -26.52
C LEU B 193 28.90 20.83 -27.11
N ALA B 194 28.97 20.44 -28.38
CA ALA B 194 30.24 20.39 -29.09
C ALA B 194 30.89 21.77 -29.16
N VAL B 195 30.07 22.80 -29.43
CA VAL B 195 30.55 24.18 -29.46
C VAL B 195 31.08 24.61 -28.09
N SER B 196 30.39 24.20 -27.04
CA SER B 196 30.83 24.44 -25.66
C SER B 196 32.14 23.75 -25.36
N LYS B 197 32.28 22.51 -25.84
CA LYS B 197 33.58 21.82 -25.74
C LYS B 197 34.69 22.56 -26.50
N GLY B 198 34.37 23.01 -27.72
CA GLY B 198 35.36 23.69 -28.59
C GLY B 198 35.78 25.09 -28.11
N ALA B 199 34.80 25.94 -27.82
CA ALA B 199 35.03 27.33 -27.49
C ALA B 199 34.31 27.75 -26.22
N THR B 200 34.82 28.83 -25.62
CA THR B 200 34.22 29.40 -24.40
C THR B 200 32.87 30.02 -24.70
N SER B 201 32.05 30.17 -23.65
CA SER B 201 30.81 30.95 -23.74
C SER B 201 31.19 32.43 -23.92
N HIS B 202 31.70 32.68 -25.11
CA HIS B 202 31.97 33.98 -25.66
C HIS B 202 32.01 33.74 -27.15
N ASP B 203 31.86 34.82 -27.93
CA ASP B 203 31.92 34.70 -29.38
C ASP B 203 33.29 34.11 -29.72
N TYR B 204 34.35 34.75 -29.24
CA TYR B 204 35.69 34.14 -29.27
C TYR B 204 36.04 33.63 -30.69
N ALA B 205 36.58 32.41 -30.79
CA ALA B 205 36.65 31.69 -32.07
C ALA B 205 35.25 31.58 -32.64
N ASN B 206 34.28 31.45 -31.74
CA ASN B 206 32.90 31.37 -32.13
C ASN B 206 32.81 30.07 -32.91
N TYR B 207 33.38 29.00 -32.37
CA TYR B 207 33.58 27.79 -33.16
C TYR B 207 32.28 26.95 -33.31
N LEU B 208 31.29 27.63 -33.89
CA LEU B 208 29.97 27.12 -34.18
C LEU B 208 29.53 27.79 -35.47
N PRO B 209 28.86 27.05 -36.35
CA PRO B 209 28.50 27.50 -37.72
C PRO B 209 28.24 29.03 -37.89
N SER B 210 29.08 29.70 -38.68
CA SER B 210 29.01 31.15 -38.85
C SER B 210 27.70 31.52 -39.48
N ASN B 211 27.22 30.66 -40.36
CA ASN B 211 25.90 30.90 -40.92
C ASN B 211 24.88 30.75 -39.81
N ASP B 212 23.95 31.69 -39.79
CA ASP B 212 22.77 31.58 -38.98
C ASP B 212 21.60 31.35 -39.94
N LEU B 213 20.83 30.29 -39.66
CA LEU B 213 19.62 29.97 -40.40
C LEU B 213 18.45 30.76 -39.77
N GLU B 214 18.72 31.64 -38.80
CA GLU B 214 17.69 32.17 -37.89
C GLU B 214 17.00 31.01 -37.18
N SER B 215 17.81 30.01 -36.78
CA SER B 215 17.37 28.79 -36.15
C SER B 215 16.77 27.85 -37.16
N ARG B 217 13.55 27.60 -36.62
CA ARG B 217 12.84 26.76 -35.70
C ARG B 217 13.75 26.32 -34.57
N PHE B 218 14.98 25.93 -34.86
CA PHE B 218 15.90 25.45 -33.81
C PHE B 218 16.08 26.47 -32.68
N LEU B 219 16.49 27.67 -33.05
CA LEU B 219 16.60 28.80 -32.09
C LEU B 219 15.30 29.03 -31.38
N ASN B 220 14.20 29.10 -32.14
CA ASN B 220 12.88 29.31 -31.54
C ASN B 220 12.56 28.24 -30.48
N ILE B 221 12.81 26.97 -30.82
CA ILE B 221 12.57 25.85 -29.95
C ILE B 221 13.46 25.91 -28.75
N LEU B 222 14.72 26.29 -28.95
CA LEU B 222 15.63 26.34 -27.87
C LEU B 222 15.10 27.38 -26.86
N GLN B 223 14.79 28.57 -27.39
CA GLN B 223 14.28 29.66 -26.54
C GLN B 223 12.99 29.27 -25.84
N SER B 224 12.06 28.67 -26.58
CA SER B 224 10.79 28.22 -26.04
C SER B 224 10.99 27.21 -24.92
N ILE B 225 11.85 26.22 -25.16
CA ILE B 225 12.15 25.21 -24.13
C ILE B 225 12.73 25.88 -22.90
N ALA B 226 13.72 26.77 -23.11
CA ALA B 226 14.26 27.52 -21.97
C ALA B 226 13.19 28.31 -21.19
N ASN B 227 12.31 29.01 -21.92
CA ASN B 227 11.18 29.75 -21.30
C ASN B 227 10.22 28.85 -20.51
N LYS B 228 9.83 27.72 -21.11
CA LYS B 228 8.90 26.78 -20.42
C LYS B 228 9.47 26.22 -19.13
N TRP B 229 10.74 25.83 -19.22
CA TRP B 229 11.45 25.31 -18.04
C TRP B 229 11.46 26.33 -16.93
N PHE B 230 11.74 27.59 -17.29
CA PHE B 230 11.79 28.67 -16.31
C PHE B 230 10.47 28.83 -15.59
N LEU B 231 9.38 28.79 -16.36
CA LEU B 231 8.05 29.05 -15.79
C LEU B 231 7.59 28.11 -14.64
N VAL B 232 7.79 26.80 -14.82
CA VAL B 232 7.27 25.76 -13.89
C VAL B 232 8.10 25.49 -12.63
N LEU B 233 9.40 25.35 -12.83
CA LEU B 233 10.33 25.06 -11.74
C LEU B 233 10.25 26.13 -10.67
N LYS B 234 10.30 27.39 -11.10
CA LYS B 234 10.23 28.51 -10.17
C LYS B 234 8.92 28.46 -9.38
N GLN B 235 7.83 28.22 -10.10
CA GLN B 235 6.51 28.14 -9.48
C GLN B 235 6.49 27.04 -8.45
N THR B 236 7.07 25.89 -8.79
CA THR B 236 7.12 24.75 -7.86
C THR B 236 7.69 25.15 -6.50
N PHE B 248 7.52 18.15 8.27
CA PHE B 248 8.32 18.97 9.16
C PHE B 248 9.81 18.84 8.79
N LEU B 249 10.48 17.80 9.30
CA LEU B 249 11.81 17.43 8.84
C LEU B 249 11.77 17.18 7.34
N ASP B 250 10.69 16.53 6.92
CA ASP B 250 10.36 16.39 5.51
C ASP B 250 10.31 17.75 4.82
N GLU B 251 9.64 18.71 5.43
CA GLU B 251 9.59 20.07 4.91
C GLU B 251 10.98 20.66 4.74
N VAL B 252 11.83 20.50 5.77
CA VAL B 252 13.23 20.98 5.67
C VAL B 252 13.99 20.27 4.53
N GLU B 253 13.82 18.96 4.44
CA GLU B 253 14.46 18.19 3.37
C GLU B 253 14.00 18.68 1.99
N PHE B 254 12.70 18.95 1.88
CA PHE B 254 12.10 19.50 0.66
C PHE B 254 12.68 20.88 0.34
N TRP B 255 12.80 21.74 1.38
CA TRP B 255 13.44 23.05 1.18
C TRP B 255 14.89 22.88 0.71
N SER B 256 15.59 21.89 1.28
CA SER B 256 16.95 21.56 0.84
C SER B 256 17.00 21.14 -0.63
N ASN B 257 16.06 20.27 -1.00
CA ASN B 257 15.92 19.87 -2.39
C ASN B 257 15.67 21.09 -3.26
N PHE B 258 14.82 22.00 -2.77
CA PHE B 258 14.56 23.25 -3.48
C PHE B 258 15.84 24.06 -3.66
N TYR B 259 16.63 24.12 -2.59
CA TYR B 259 17.93 24.81 -2.66
C TYR B 259 18.82 24.20 -3.73
N GLU B 260 18.87 22.87 -3.71
CA GLU B 260 19.68 22.17 -4.70
C GLU B 260 19.16 22.43 -6.12
N VAL B 261 17.83 22.48 -6.28
CA VAL B 261 17.23 22.81 -7.57
C VAL B 261 17.56 24.23 -8.00
N LEU B 262 17.56 25.16 -7.05
CA LEU B 262 18.01 26.52 -7.29
C LEU B 262 19.51 26.57 -7.70
N LYS B 263 20.32 25.74 -7.07
CA LYS B 263 21.72 25.56 -7.51
C LYS B 263 21.80 24.98 -8.94
N SER B 264 20.90 24.04 -9.26
CA SER B 264 20.77 23.52 -10.62
C SER B 264 20.42 24.66 -11.56
N LEU B 265 19.56 25.54 -11.09
CA LEU B 265 19.18 26.75 -11.80
C LEU B 265 20.37 27.69 -12.01
N ILE B 266 21.22 27.82 -11.01
CA ILE B 266 22.43 28.60 -11.14
C ILE B 266 23.40 27.95 -12.15
N GLU B 267 23.50 26.62 -12.09
CA GLU B 267 24.29 25.90 -13.09
C GLU B 267 23.72 26.15 -14.47
N GLN B 268 22.40 26.18 -14.56
CA GLN B 268 21.69 26.55 -15.78
C GLN B 268 22.02 27.98 -16.16
N THR B 269 22.27 28.81 -15.15
CA THR B 269 22.61 30.20 -15.38
C THR B 269 23.91 30.39 -16.18
N GLN B 270 24.87 29.49 -15.94
CA GLN B 270 26.28 29.66 -16.35
C GLN B 270 26.68 29.51 -17.84
N SER B 271 27.95 29.78 -18.11
CA SER B 271 28.56 29.69 -19.45
C SER B 271 28.56 28.25 -19.96
N GLN B 272 28.70 27.28 -19.05
CA GLN B 272 28.46 25.87 -19.32
C GLN B 272 27.04 25.74 -19.84
N GLU B 273 26.11 26.42 -19.17
CA GLU B 273 24.78 26.72 -19.68
C GLU B 273 24.89 27.60 -20.94
N PHE B 274 23.77 27.66 -21.65
CA PHE B 274 23.62 28.42 -22.91
C PHE B 274 23.49 29.92 -22.65
N GLN B 275 24.38 30.49 -21.83
CA GLN B 275 24.56 31.92 -21.79
C GLN B 275 24.96 32.29 -23.21
N VAL B 276 25.82 31.49 -23.83
CA VAL B 276 26.18 31.69 -25.21
C VAL B 276 24.99 31.55 -26.15
N CYS B 277 24.12 30.57 -25.90
CA CYS B 277 22.91 30.46 -26.74
C CYS B 277 22.07 31.73 -26.64
N LEU B 278 21.90 32.17 -25.40
CA LEU B 278 21.17 33.43 -25.14
C LEU B 278 21.84 34.60 -25.86
N SER B 279 23.17 34.67 -25.79
CA SER B 279 23.94 35.72 -26.49
C SER B 279 23.73 35.66 -28.01
N VAL B 280 23.73 34.44 -28.55
CA VAL B 280 23.44 34.24 -29.96
C VAL B 280 22.03 34.69 -30.32
N LEU B 281 21.06 34.35 -29.45
CA LEU B 281 19.69 34.78 -29.67
C LEU B 281 19.67 36.29 -29.67
N THR B 282 20.41 36.87 -28.72
CA THR B 282 20.64 38.30 -28.68
C THR B 282 21.39 38.70 -29.94
N ASN B 283 22.36 37.86 -30.35
CA ASN B 283 23.27 38.24 -31.41
C ASN B 283 22.47 38.51 -32.67
N ALA B 284 21.52 37.61 -32.96
CA ALA B 284 20.46 37.89 -33.93
C ALA B 284 19.27 38.45 -33.15
N LYS B 285 18.23 38.94 -33.82
CA LYS B 285 16.95 39.18 -33.14
C LYS B 285 16.65 38.00 -32.19
N ARG B 286 16.54 38.29 -30.91
CA ARG B 286 16.45 37.30 -29.85
C ARG B 286 15.13 37.15 -29.07
N PHE B 287 14.04 37.75 -29.53
CA PHE B 287 12.86 37.89 -28.65
C PHE B 287 11.95 36.66 -28.67
N HIS B 288 12.44 35.55 -28.10
CA HIS B 288 11.61 34.42 -27.64
C HIS B 288 11.70 34.25 -26.12
N ASN B 289 12.88 34.46 -25.52
CA ASN B 289 13.03 34.60 -24.08
C ASN B 289 12.92 36.06 -23.75
N LEU B 290 11.85 36.39 -23.05
CA LEU B 290 11.59 37.76 -22.72
C LEU B 290 12.61 38.21 -21.73
N THR B 291 12.65 39.51 -21.46
CA THR B 291 13.43 40.04 -20.35
C THR B 291 13.02 39.28 -19.10
N ASN B 292 11.79 38.79 -19.10
CA ASN B 292 11.33 37.83 -18.12
C ASN B 292 12.51 36.94 -17.89
N LEU B 293 13.24 36.59 -18.96
CA LEU B 293 14.48 35.85 -18.85
C LEU B 293 15.48 36.56 -17.93
N LEU B 294 15.73 37.84 -18.19
CA LEU B 294 16.56 38.68 -17.30
C LEU B 294 15.87 38.92 -15.94
N ASN B 295 14.56 39.15 -16.04
CA ASN B 295 13.71 39.24 -14.86
C ASN B 295 13.73 37.89 -14.18
N GLU B 296 13.85 36.83 -14.99
CA GLU B 296 13.94 35.47 -14.50
C GLU B 296 15.24 35.26 -13.75
N GLY B 297 16.35 35.83 -14.25
CA GLY B 297 17.60 35.82 -13.48
C GLY B 297 17.46 36.53 -12.13
N SER B 298 16.78 37.68 -12.14
CA SER B 298 16.48 38.38 -10.89
C SER B 298 15.66 37.50 -9.94
N LEU B 299 14.67 36.82 -10.53
CA LEU B 299 13.81 35.89 -9.81
C LEU B 299 14.60 34.71 -9.24
N SER B 300 15.58 34.23 -10.00
CA SER B 300 16.48 33.16 -9.58
C SER B 300 17.35 33.63 -8.44
N ASP B 301 17.83 34.87 -8.52
CA ASP B 301 18.55 35.47 -7.38
C ASP B 301 17.63 35.51 -6.16
N LYS B 302 16.38 35.94 -6.39
CA LYS B 302 15.39 35.93 -5.31
C LYS B 302 15.18 34.52 -4.73
N PHE B 303 15.15 33.52 -5.60
CA PHE B 303 15.00 32.13 -5.22
C PHE B 303 16.19 31.64 -4.42
N LYS B 304 17.38 32.03 -4.84
CA LYS B 304 18.59 31.72 -4.07
C LYS B 304 18.50 32.39 -2.70
N LEU B 305 18.04 33.64 -2.67
CA LEU B 305 17.79 34.32 -1.40
C LEU B 305 16.77 33.58 -0.53
N ALA B 306 15.71 33.06 -1.14
CA ALA B 306 14.70 32.27 -0.44
C ALA B 306 15.27 30.96 0.10
N ASP B 307 16.11 30.30 -0.70
CA ASP B 307 16.83 29.11 -0.26
C ASP B 307 17.67 29.47 0.94
N LYS B 308 18.31 30.63 0.84
CA LYS B 308 19.01 31.19 2.00
C LYS B 308 18.01 31.34 3.15
N TYR B 309 16.83 31.82 2.84
CA TYR B 309 15.73 31.83 3.78
C TYR B 309 15.19 30.43 4.04
N ASN B 310 15.01 29.64 2.99
CA ASN B 310 14.46 28.30 3.11
C ASN B 310 15.49 27.48 3.83
N GLN B 311 16.77 27.68 3.50
CA GLN B 311 17.84 27.20 4.36
C GLN B 311 17.57 28.01 5.63
N PHE B 312 17.31 27.34 6.75
CA PHE B 312 17.10 27.94 8.06
C PHE B 312 17.26 26.76 9.01
N LEU B 313 17.94 26.93 10.14
CA LEU B 313 18.21 25.78 11.05
C LEU B 313 17.41 25.96 12.33
N SER B 314 16.44 25.08 12.55
CA SER B 314 15.75 25.01 13.85
C SER B 314 16.77 24.62 14.91
N SER B 315 17.60 23.64 14.54
CA SER B 315 18.60 23.04 15.42
C SER B 315 17.92 22.48 16.72
N ILE B 316 16.75 21.88 16.54
CA ILE B 316 15.94 21.34 17.64
C ILE B 316 15.77 19.83 17.47
N PRO B 317 16.01 19.08 18.55
CA PRO B 317 16.12 17.62 18.49
C PRO B 317 15.18 16.92 19.46
N ILE B 318 14.50 15.89 18.96
CA ILE B 318 13.72 14.98 19.80
C ILE B 318 14.64 14.06 20.62
N ASP B 319 14.15 13.60 21.78
CA ASP B 319 14.85 12.62 22.64
C ASP B 319 14.38 11.17 22.43
N GLU B 328 18.84 15.89 33.50
CA GLU B 328 19.39 15.82 32.15
C GLU B 328 18.32 16.15 31.12
N ASP B 329 17.21 15.42 31.16
CA ASP B 329 16.11 15.59 30.22
C ASP B 329 15.50 16.98 30.35
N LEU B 330 15.28 17.43 31.58
CA LEU B 330 14.75 18.78 31.85
C LEU B 330 15.69 19.87 31.33
N GLN B 331 16.99 19.70 31.58
CA GLN B 331 18.00 20.63 31.08
C GLN B 331 17.99 20.63 29.55
N GLU B 332 17.88 19.43 28.96
CA GLU B 332 17.78 19.31 27.51
C GLU B 332 16.54 20.06 27.01
N LEU B 333 15.42 19.90 27.71
CA LEU B 333 14.17 20.61 27.37
C LEU B 333 14.35 22.12 27.47
N PHE B 334 15.02 22.58 28.53
CA PHE B 334 15.35 24.00 28.67
C PHE B 334 16.20 24.49 27.49
N PRO B 335 17.21 23.68 27.13
CA PRO B 335 18.05 23.97 25.96
C PRO B 335 17.21 24.06 24.69
N VAL B 336 16.27 23.12 24.54
CA VAL B 336 15.35 23.12 23.40
C VAL B 336 14.48 24.36 23.40
N LEU B 337 13.97 24.77 24.56
CA LEU B 337 13.20 26.01 24.67
C LEU B 337 14.05 27.20 24.27
N ALA B 338 15.31 27.23 24.74
CA ALA B 338 16.25 28.27 24.32
C ALA B 338 16.48 28.28 22.80
N SER B 339 16.62 27.09 22.23
CA SER B 339 16.76 26.95 20.77
C SER B 339 15.52 27.43 20.04
N SER B 340 14.34 27.12 20.58
CA SER B 340 13.08 27.62 20.04
C SER B 340 13.02 29.14 20.11
N LEU B 341 13.46 29.70 21.24
CA LEU B 341 13.58 31.17 21.36
C LEU B 341 14.53 31.73 20.30
N LYS B 342 15.65 31.03 20.08
CA LYS B 342 16.59 31.42 19.03
C LYS B 342 15.98 31.35 17.63
N LYS B 343 15.18 30.31 17.37
CA LYS B 343 14.45 30.20 16.10
C LYS B 343 13.43 31.34 15.98
N PHE B 344 12.77 31.66 17.09
CA PHE B 344 11.81 32.74 17.11
C PHE B 344 12.49 34.03 16.67
N ARG B 345 13.76 34.20 17.04
CA ARG B 345 14.50 35.26 16.40
C ARG B 345 14.40 34.93 14.92
N TYR B 346 13.81 35.83 14.14
CA TYR B 346 13.61 35.58 12.71
C TYR B 346 13.34 36.86 11.93
N SER B 347 13.94 36.89 10.75
CA SER B 347 13.73 37.92 9.76
C SER B 347 12.97 37.38 8.53
N GLY B 348 12.99 36.06 8.29
CA GLY B 348 12.22 35.41 7.21
C GLY B 348 11.74 34.05 7.70
N TYR B 349 10.63 33.59 7.12
CA TYR B 349 9.82 32.46 7.58
C TYR B 349 8.61 32.32 6.67
N PRO B 350 8.02 31.15 6.60
CA PRO B 350 6.75 31.00 5.83
C PRO B 350 5.66 31.86 6.45
N VAL B 351 4.86 32.56 5.66
CA VAL B 351 3.93 33.55 6.24
C VAL B 351 2.82 32.91 7.09
N GLN B 352 2.26 31.81 6.62
CA GLN B 352 1.40 30.95 7.41
C GLN B 352 2.01 29.57 7.64
N ARG B 353 2.82 29.08 6.69
CA ARG B 353 3.53 27.81 6.87
C ARG B 353 4.42 27.79 8.11
N PHE B 354 5.09 28.90 8.42
CA PHE B 354 5.92 28.96 9.62
C PHE B 354 5.03 28.80 10.85
N VAL B 355 3.87 29.47 10.85
CA VAL B 355 2.90 29.29 11.93
C VAL B 355 2.40 27.84 12.04
N VAL B 356 2.06 27.22 10.90
CA VAL B 356 1.65 25.81 10.93
C VAL B 356 2.77 24.92 11.50
N LEU B 357 4.00 25.19 11.07
CA LEU B 357 5.16 24.47 11.59
C LEU B 357 5.29 24.70 13.10
N ASP B 359 2.88 25.41 15.16
CA ASP B 359 1.82 24.58 15.77
C ASP B 359 2.18 23.09 15.82
N LYS B 360 2.68 22.56 14.70
CA LYS B 360 3.11 21.15 14.68
C LYS B 360 4.23 20.88 15.69
N ILE B 361 5.17 21.82 15.81
CA ILE B 361 6.28 21.72 16.77
C ILE B 361 5.80 21.67 18.21
N SER B 362 4.83 22.52 18.55
CA SER B 362 4.26 22.54 19.90
C SER B 362 3.65 21.18 20.29
N GLN B 363 2.93 20.55 19.37
CA GLN B 363 2.36 19.20 19.59
C GLN B 363 3.46 18.11 19.74
N GLU B 364 4.47 18.20 18.88
CA GLU B 364 5.63 17.32 18.94
C GLU B 364 6.39 17.50 20.26
N VAL B 365 6.53 18.72 20.75
CA VAL B 365 7.14 18.98 22.05
C VAL B 365 6.35 18.31 23.19
N ASP B 367 4.50 15.71 22.71
CA ASP B 367 4.85 14.28 22.51
C ASP B 367 6.22 13.91 23.13
N ALA B 368 7.21 14.77 22.96
CA ALA B 368 8.54 14.60 23.56
C ALA B 368 8.40 14.58 25.06
N ILE B 369 7.53 15.43 25.60
CA ILE B 369 7.22 15.39 27.02
C ILE B 369 6.64 14.03 27.38
N LEU B 370 5.79 13.49 26.51
CA LEU B 370 5.23 12.15 26.70
C LEU B 370 6.32 11.07 26.66
N SER B 371 7.24 11.19 25.70
CA SER B 371 8.34 10.27 25.56
C SER B 371 9.22 10.30 26.80
N ASN B 372 9.47 11.52 27.31
CA ASN B 372 10.14 11.67 28.59
C ASN B 372 9.31 11.00 29.71
N LEU B 373 7.99 11.18 29.65
CA LEU B 373 7.05 10.69 30.64
C LEU B 373 6.32 9.39 30.31
N SER B 374 5.69 9.33 29.13
CA SER B 374 4.94 8.15 28.66
C SER B 374 5.83 6.99 28.25
N TYR B 381 4.45 7.15 45.25
CA TYR B 381 5.88 7.32 45.45
C TYR B 381 6.24 8.80 45.58
N GLY B 382 6.90 9.17 46.67
CA GLY B 382 7.29 10.56 46.93
C GLY B 382 8.24 11.08 45.85
N SER B 383 9.21 10.27 45.47
CA SER B 383 10.15 10.61 44.39
C SER B 383 9.39 10.82 43.09
N PHE B 384 8.43 9.93 42.82
CA PHE B 384 7.58 10.06 41.63
C PHE B 384 6.77 11.36 41.69
N LEU B 385 6.23 11.68 42.85
CA LEU B 385 5.52 12.95 43.05
C LEU B 385 6.44 14.15 42.81
N GLY B 386 7.67 14.07 43.32
CA GLY B 386 8.67 15.12 43.06
C GLY B 386 8.98 15.24 41.57
N LEU B 387 9.12 14.10 40.90
CA LEU B 387 9.32 14.10 39.45
C LEU B 387 8.12 14.73 38.73
N TYR B 388 6.91 14.40 39.18
CA TYR B 388 5.69 15.02 38.64
C TYR B 388 5.70 16.53 38.86
N GLU B 389 6.12 16.96 40.05
CA GLU B 389 6.26 18.40 40.33
C GLU B 389 7.29 19.07 39.41
N LYS B 390 8.42 18.39 39.21
CA LYS B 390 9.44 18.86 38.26
C LYS B 390 8.87 18.96 36.85
N SER B 391 8.09 17.95 36.46
CA SER B 391 7.38 17.97 35.18
C SER B 391 6.42 19.16 35.11
N ALA B 392 5.73 19.45 36.22
CA ALA B 392 4.84 20.62 36.30
C ALA B 392 5.60 21.94 36.13
N GLY B 393 6.76 22.05 36.79
CA GLY B 393 7.62 23.23 36.59
C GLY B 393 8.04 23.36 35.12
N ILE B 395 6.29 22.13 32.57
CA ILE B 395 5.04 22.51 31.90
C ILE B 395 4.81 24.00 31.99
N GLU B 396 5.06 24.57 33.18
CA GLU B 396 5.02 26.04 33.31
C GLU B 396 6.00 26.73 32.34
N GLU B 397 7.21 26.18 32.22
CA GLU B 397 8.22 26.74 31.33
C GLU B 397 7.79 26.65 29.87
N TRP B 398 7.15 25.54 29.53
CA TRP B 398 6.59 25.29 28.21
C TRP B 398 5.45 26.27 27.93
N ASP B 399 4.62 26.52 28.93
CA ASP B 399 3.57 27.55 28.82
C ASP B 399 4.21 28.92 28.59
N ASP B 400 5.29 29.21 29.33
CA ASP B 400 6.06 30.44 29.09
C ASP B 400 6.61 30.51 27.65
N ILE B 401 7.13 29.39 27.16
CA ILE B 401 7.61 29.31 25.78
C ILE B 401 6.46 29.55 24.79
N VAL B 402 5.29 28.99 25.08
CA VAL B 402 4.09 29.28 24.28
C VAL B 402 3.73 30.76 24.33
N GLN B 403 3.84 31.37 25.50
CA GLN B 403 3.63 32.83 25.62
C GLN B 403 4.65 33.61 24.78
N ASP B 404 5.90 33.17 24.81
CA ASP B 404 6.96 33.74 23.95
C ASP B 404 6.57 33.57 22.49
N VAL B 405 6.04 32.41 22.12
CA VAL B 405 5.51 32.23 20.76
C VAL B 405 4.47 33.30 20.38
N ASN B 406 3.53 33.57 21.30
CA ASN B 406 2.48 34.57 21.03
C ASN B 406 3.04 35.97 20.76
N LEU B 407 4.05 36.36 21.56
CA LEU B 407 4.74 37.65 21.36
C LEU B 407 5.36 37.75 19.97
N LEU B 408 6.07 36.69 19.56
CA LEU B 408 6.66 36.62 18.21
C LEU B 408 5.55 36.67 17.18
N ILE B 409 4.45 35.95 17.44
CA ILE B 409 3.29 35.95 16.54
C ILE B 409 2.70 37.36 16.37
N ARG B 410 2.63 38.13 17.45
CA ARG B 410 2.19 39.55 17.34
C ARG B 410 2.87 40.32 16.18
#